data_6NUS
#
_entry.id   6NUS
#
_cell.length_a   1
_cell.length_b   1
_cell.length_c   1
_cell.angle_alpha   90.00
_cell.angle_beta   90.00
_cell.angle_gamma   90.00
#
_symmetry.space_group_name_H-M   'P 1'
#
loop_
_entity.id
_entity.type
_entity.pdbx_description
1 polymer NSP12
2 polymer NSP8
3 non-polymer 'ZINC ION'
#
loop_
_entity_poly.entity_id
_entity_poly.type
_entity_poly.pdbx_seq_one_letter_code
_entity_poly.pdbx_strand_id
1 'polypeptide(L)'
;MGSADASTFLNRVCGVSAARLTPCGTGTSTDVVYRAFDIYNEKVAGFAKFLKTNCCRFQEKDEEGNLLDSYFVVKRHTMS
NYQHEETIYNLVKDCPAVAVHDFFKFRVDGDMVPHISRQRLTKYTMADLVYALRHFDEGNCDTLKEILVTYNCCDDDYFN
KKDWYDFVENPDILRVYANLGERVRQSLLKTVQFCDAMRDAGIVGVLTLDNQDLNGNWYDFGDFVQVAPGCGVPIVDSYY
SLLMPILTLTRALAAESHMDADLAKPLIKWDLLKYDFTEERLCLFDRYFKYWDQTYHPNCINCLDDRCILHCANFNVLFS
TVFPPTSFGPLVRKIFVDGVPFVVSTGYHFRELGVVHNQDVNLHSSRLSFKELLVYAADPAMHAASGNLLLDKRTTCFSV
AALTNNVAFQTVKPGNFNKDFYDFAVSKGFFKEGSSVELKHFFFAQDGNAAISDYDYYRYNLPTMCDIRQLLFVVEVVDK
YFDCYDGGCINANQVIVNNLDKSAGFPFNKWGKARLYYDSMSYEDQDALFAYTKRNVIPTITQMNLKYAISAKNRARTVA
GVSICSTMTNRQFHQKLLKSIAATRGATVVIGTSKFYGGWHNMLKTVYSDVETPHLMGWDYPKCDRAMPNMLRIMASLVL
ARKHNTCCNLSHRFYRLANECAQVLSEMVMCGGSLYVKPGGTSSGDATTAYANSVFNICQAVTANVNALLSTDGNKIADK
YVRNLQHRLYECLYRNRDVDHEFVDEFYAYLRKHFSMMILSDDAVVCYNSNYAAQGLVASIKNFKAVLYYQNNVFMSEAK
CWTETDLTKGPHEFCSQHTMLVKQGDDYVYLPYPDPSRILGAGCFVDDIVKTDGTLMIERFVSLAIDAYPLTKHPNQEYA
DVFHLYLQYIRKLHDELTGHMLDMYSVMLTNDNTSRYWEPEFYEAMYTPHTVLLVPRGSGHHHHHHAWSHPQFEK
;
A
2 'polypeptide(L)'
;AIASEFSSLPSYAAYATAQEAYEQAVANGDSEVVLKKLKKSLNVAKSEFDRDAAMQRKLEKMADQAMTQMYKQARSEDKR
AKVTSAMQTMLFTMLRKLDNDALNNIINNARDGCVPLNIIPLTTAAKLMVVVPDYGTYKNTCDGNTFTYASALWEIQQVV
DADSKIVQLSEINMDNSPNLAWPLIVTALRANSAVKLQ
;
B
#
# COMPACT_ATOMS: atom_id res chain seq x y z
N ARG A 120 37.82 1.59 21.89
CA ARG A 120 37.00 0.40 22.05
C ARG A 120 35.73 0.52 21.23
N LEU A 121 35.91 0.89 19.97
CA LEU A 121 34.81 1.04 19.00
C LEU A 121 34.69 -0.20 18.15
N THR A 122 33.50 -0.41 17.59
CA THR A 122 33.28 -1.56 16.70
C THR A 122 33.91 -1.34 15.33
N LYS A 123 34.03 -2.45 14.59
CA LYS A 123 34.57 -2.45 13.23
C LYS A 123 33.75 -1.65 12.24
N TYR A 124 32.44 -1.73 12.37
CA TYR A 124 31.51 -1.07 11.49
C TYR A 124 30.79 0.03 12.23
N THR A 125 30.31 1.03 11.47
CA THR A 125 29.55 2.16 12.02
C THR A 125 28.07 2.10 11.68
N MET A 126 27.27 3.00 12.28
CA MET A 126 25.82 3.00 11.96
C MET A 126 25.62 3.27 10.48
N ALA A 127 26.54 4.04 9.91
CA ALA A 127 26.55 4.36 8.48
C ALA A 127 26.70 3.12 7.63
N ASP A 128 27.42 2.10 8.12
CA ASP A 128 27.68 0.91 7.33
C ASP A 128 26.48 0.01 7.43
N LEU A 129 25.82 0.03 8.57
CA LEU A 129 24.60 -0.76 8.67
C LEU A 129 23.53 -0.18 7.78
N VAL A 130 23.38 1.14 7.79
CA VAL A 130 22.38 1.78 6.96
C VAL A 130 22.71 1.58 5.50
N TYR A 131 23.97 1.77 5.11
CA TYR A 131 24.35 1.58 3.73
C TYR A 131 24.11 0.13 3.31
N ALA A 132 24.53 -0.82 4.14
CA ALA A 132 24.39 -2.22 3.81
C ALA A 132 22.93 -2.62 3.54
N LEU A 133 22.01 -2.04 4.31
CA LEU A 133 20.60 -2.32 4.12
C LEU A 133 19.95 -1.49 2.99
N ARG A 134 20.34 -0.21 2.81
CA ARG A 134 19.71 0.64 1.79
C ARG A 134 20.32 0.59 0.39
N HIS A 135 21.57 0.19 0.29
CA HIS A 135 22.30 0.12 -0.97
C HIS A 135 22.67 -1.32 -1.22
N PHE A 136 21.78 -2.18 -0.74
CA PHE A 136 21.88 -3.61 -0.79
C PHE A 136 22.00 -4.17 -2.19
N ASP A 137 22.91 -5.11 -2.33
CA ASP A 137 23.19 -5.85 -3.54
C ASP A 137 23.45 -7.27 -3.07
N GLU A 138 22.69 -8.25 -3.59
CA GLU A 138 22.81 -9.64 -3.13
C GLU A 138 24.16 -10.26 -3.47
N GLY A 139 24.85 -9.62 -4.39
CA GLY A 139 26.18 -10.00 -4.81
C GLY A 139 27.10 -9.38 -3.79
N ASN A 140 27.24 -8.06 -3.87
CA ASN A 140 28.13 -7.34 -2.96
C ASN A 140 27.43 -7.02 -1.64
N CYS A 141 27.16 -8.08 -0.88
CA CYS A 141 26.45 -8.04 0.39
C CYS A 141 27.32 -8.40 1.59
N ASP A 142 28.63 -8.31 1.43
CA ASP A 142 29.54 -8.71 2.49
C ASP A 142 29.41 -7.87 3.76
N THR A 143 29.12 -6.57 3.64
CA THR A 143 29.02 -5.73 4.83
C THR A 143 27.85 -6.21 5.67
N LEU A 144 26.73 -6.50 5.01
CA LEU A 144 25.56 -6.91 5.75
C LEU A 144 25.74 -8.28 6.36
N LYS A 145 26.32 -9.21 5.61
CA LYS A 145 26.48 -10.54 6.15
C LYS A 145 27.38 -10.53 7.37
N GLU A 146 28.48 -9.75 7.32
CA GLU A 146 29.38 -9.73 8.46
C GLU A 146 28.72 -9.12 9.68
N ILE A 147 27.93 -8.05 9.51
CA ILE A 147 27.28 -7.45 10.67
C ILE A 147 26.30 -8.44 11.30
N LEU A 148 25.49 -9.13 10.49
CA LEU A 148 24.52 -10.06 11.04
C LEU A 148 25.18 -11.22 11.78
N VAL A 149 26.31 -11.72 11.27
CA VAL A 149 26.98 -12.79 11.98
C VAL A 149 27.66 -12.25 13.25
N THR A 150 28.33 -11.10 13.14
CA THR A 150 29.09 -10.49 14.24
C THR A 150 28.25 -10.26 15.47
N TYR A 151 27.01 -9.82 15.28
CA TYR A 151 26.16 -9.53 16.41
C TYR A 151 25.14 -10.63 16.70
N ASN A 152 25.41 -11.84 16.21
CA ASN A 152 24.60 -13.02 16.44
C ASN A 152 23.15 -12.90 16.03
N CYS A 153 22.88 -12.29 14.88
CA CYS A 153 21.51 -12.21 14.41
C CYS A 153 21.20 -13.55 13.78
N CYS A 154 22.24 -14.12 13.16
CA CYS A 154 22.18 -15.42 12.53
C CYS A 154 23.59 -16.01 12.42
N ASP A 155 23.68 -17.29 12.12
CA ASP A 155 24.97 -17.94 11.94
C ASP A 155 25.45 -17.78 10.49
N ASP A 156 26.61 -18.32 10.16
CA ASP A 156 27.18 -18.17 8.81
C ASP A 156 26.46 -19.04 7.81
N ASP A 157 25.94 -20.17 8.28
CA ASP A 157 25.24 -21.12 7.43
C ASP A 157 23.93 -20.54 6.91
N TYR A 158 23.49 -19.45 7.52
CA TYR A 158 22.25 -18.80 7.14
C TYR A 158 22.36 -18.27 5.73
N PHE A 159 23.57 -17.98 5.31
CA PHE A 159 23.76 -17.33 4.05
C PHE A 159 23.97 -18.34 2.94
N ASN A 160 23.80 -19.62 3.27
CA ASN A 160 23.89 -20.65 2.27
C ASN A 160 22.49 -20.98 1.79
N LYS A 161 21.46 -20.29 2.32
CA LYS A 161 20.12 -20.58 1.86
C LYS A 161 19.86 -19.93 0.53
N LYS A 162 19.16 -20.64 -0.35
CA LYS A 162 18.80 -20.03 -1.60
C LYS A 162 17.95 -18.83 -1.29
N ASP A 163 18.31 -17.71 -1.89
CA ASP A 163 17.62 -16.44 -1.73
C ASP A 163 17.44 -16.05 -0.26
N TRP A 164 18.47 -16.28 0.58
CA TRP A 164 18.38 -15.94 2.00
C TRP A 164 17.97 -14.49 2.29
N TYR A 165 18.27 -13.58 1.38
CA TYR A 165 18.01 -12.14 1.54
C TYR A 165 16.62 -11.69 1.11
N ASP A 166 15.83 -12.57 0.57
CA ASP A 166 14.51 -12.17 0.11
C ASP A 166 13.58 -11.97 1.30
N PHE A 167 12.51 -11.23 1.07
CA PHE A 167 11.48 -11.01 2.07
C PHE A 167 10.26 -11.86 1.76
N VAL A 168 10.09 -12.24 0.49
CA VAL A 168 8.93 -13.06 0.11
C VAL A 168 9.24 -14.53 0.35
N GLU A 169 10.39 -14.96 -0.17
CA GLU A 169 10.88 -16.31 0.07
C GLU A 169 11.73 -16.19 1.31
N ASN A 170 11.90 -17.26 2.06
CA ASN A 170 12.69 -17.15 3.29
C ASN A 170 12.28 -15.91 4.10
N PRO A 171 11.00 -15.77 4.50
CA PRO A 171 10.43 -14.62 5.20
C PRO A 171 11.07 -14.44 6.56
N ASP A 172 11.80 -15.47 7.01
CA ASP A 172 12.54 -15.57 8.24
C ASP A 172 13.63 -14.50 8.33
N ILE A 173 13.98 -13.90 7.19
CA ILE A 173 14.98 -12.85 7.22
C ILE A 173 14.56 -11.73 8.16
N LEU A 174 13.25 -11.54 8.34
CA LEU A 174 12.76 -10.51 9.23
C LEU A 174 13.10 -10.85 10.68
N ARG A 175 13.12 -12.13 11.04
CA ARG A 175 13.47 -12.55 12.39
C ARG A 175 14.90 -12.18 12.63
N VAL A 176 15.71 -12.40 11.59
CA VAL A 176 17.14 -12.11 11.65
C VAL A 176 17.41 -10.61 11.72
N TYR A 177 16.74 -9.80 10.89
CA TYR A 177 16.99 -8.36 10.93
C TYR A 177 16.54 -7.80 12.27
N ALA A 178 15.47 -8.36 12.82
CA ALA A 178 14.91 -7.94 14.08
C ALA A 178 15.89 -8.16 15.24
N ASN A 179 16.93 -8.98 15.06
CA ASN A 179 17.85 -9.21 16.14
C ASN A 179 18.79 -8.03 16.32
N LEU A 180 18.72 -7.07 15.40
CA LEU A 180 19.46 -5.82 15.47
C LEU A 180 18.61 -4.75 16.16
N GLY A 181 17.33 -5.05 16.45
CA GLY A 181 16.43 -4.04 16.99
C GLY A 181 16.84 -3.46 18.32
N GLU A 182 17.42 -4.28 19.21
CA GLU A 182 17.82 -3.73 20.50
C GLU A 182 19.00 -2.81 20.27
N ARG A 183 19.89 -3.23 19.40
CA ARG A 183 21.08 -2.45 19.10
C ARG A 183 20.69 -1.12 18.49
N VAL A 184 19.68 -1.11 17.62
CA VAL A 184 19.23 0.12 17.02
C VAL A 184 18.60 1.05 18.06
N ARG A 185 17.73 0.56 18.97
CA ARG A 185 17.19 1.50 19.94
C ARG A 185 18.26 2.01 20.88
N GLN A 186 19.29 1.19 21.17
CA GLN A 186 20.31 1.70 22.05
C GLN A 186 21.05 2.82 21.37
N SER A 187 21.26 2.73 20.05
CA SER A 187 21.92 3.81 19.33
C SER A 187 21.06 5.07 19.33
N LEU A 188 19.74 4.92 19.18
CA LEU A 188 18.88 6.10 19.17
C LEU A 188 18.89 6.78 20.57
N LEU A 189 18.91 5.96 21.63
CA LEU A 189 18.93 6.51 22.99
C LEU A 189 20.25 7.18 23.29
N LYS A 190 21.36 6.61 22.78
CA LYS A 190 22.67 7.21 23.01
C LYS A 190 22.75 8.56 22.32
N THR A 191 22.11 8.68 21.14
CA THR A 191 22.06 9.93 20.40
C THR A 191 21.34 10.99 21.19
N VAL A 192 20.22 10.66 21.80
CA VAL A 192 19.54 11.67 22.58
C VAL A 192 20.40 12.10 23.75
N GLN A 193 21.06 11.16 24.44
CA GLN A 193 21.92 11.53 25.56
C GLN A 193 23.10 12.39 25.10
N PHE A 194 23.67 12.05 23.94
CA PHE A 194 24.77 12.80 23.32
C PHE A 194 24.31 14.21 23.07
N CYS A 195 23.14 14.35 22.46
CA CYS A 195 22.57 15.63 22.13
C CYS A 195 22.34 16.46 23.40
N ASP A 196 21.84 15.85 24.49
CA ASP A 196 21.68 16.65 25.71
C ASP A 196 23.03 17.11 26.20
N ALA A 197 24.04 16.25 26.14
CA ALA A 197 25.35 16.63 26.63
C ALA A 197 25.96 17.78 25.83
N MET A 198 25.78 17.76 24.50
CA MET A 198 26.39 18.83 23.71
C MET A 198 25.57 20.10 23.90
N ARG A 199 24.27 19.97 24.18
CA ARG A 199 23.48 21.15 24.41
C ARG A 199 23.92 21.85 25.70
N ASP A 200 24.09 21.07 26.77
CA ASP A 200 24.50 21.63 28.06
C ASP A 200 25.89 22.23 27.99
N ALA A 201 26.75 21.62 27.19
CA ALA A 201 28.13 22.06 27.02
C ALA A 201 28.25 23.29 26.13
N GLY A 202 27.14 23.72 25.49
CA GLY A 202 27.20 24.87 24.64
C GLY A 202 27.77 24.59 23.26
N ILE A 203 27.68 23.34 22.81
CA ILE A 203 28.25 22.93 21.53
C ILE A 203 27.22 22.89 20.40
N VAL A 204 27.60 23.50 19.31
CA VAL A 204 26.80 23.57 18.11
C VAL A 204 27.44 22.69 17.05
N GLY A 205 26.69 21.74 16.49
CA GLY A 205 27.32 20.87 15.49
C GLY A 205 26.41 19.81 14.88
N VAL A 206 26.98 19.01 14.00
CA VAL A 206 26.21 18.00 13.25
C VAL A 206 26.54 16.57 13.55
N LEU A 207 25.48 15.79 13.67
CA LEU A 207 25.60 14.38 13.94
C LEU A 207 25.51 13.60 12.65
N THR A 208 26.44 12.69 12.46
CA THR A 208 26.52 11.87 11.29
C THR A 208 26.60 10.41 11.70
N LEU A 209 26.41 9.49 10.77
CA LEU A 209 26.39 8.09 11.15
C LEU A 209 27.76 7.43 11.13
N ASP A 210 28.78 8.15 10.71
CA ASP A 210 30.10 7.59 10.72
C ASP A 210 30.87 8.04 11.96
N ASN A 211 30.17 8.75 12.88
CA ASN A 211 30.76 9.17 14.14
C ASN A 211 30.13 8.43 15.30
N GLN A 212 29.38 7.38 14.97
CA GLN A 212 28.71 6.54 15.96
C GLN A 212 28.89 5.08 15.55
N ASP A 213 29.38 4.25 16.47
CA ASP A 213 29.67 2.87 16.11
C ASP A 213 28.44 1.98 16.29
N LEU A 214 28.58 0.67 16.14
CA LEU A 214 27.39 -0.16 16.23
C LEU A 214 27.01 -0.54 17.65
N ASN A 215 27.74 -0.06 18.66
CA ASN A 215 27.36 -0.27 20.05
C ASN A 215 26.66 1.01 20.50
N GLY A 216 26.51 1.97 19.57
CA GLY A 216 25.88 3.25 19.82
C GLY A 216 26.83 4.32 20.39
N ASN A 217 28.13 4.01 20.46
CA ASN A 217 29.07 4.96 21.04
C ASN A 217 29.49 6.05 20.10
N TRP A 218 29.51 7.26 20.63
CA TRP A 218 29.93 8.44 19.89
C TRP A 218 31.40 8.77 19.97
N TYR A 219 31.92 9.27 18.86
CA TYR A 219 33.29 9.71 18.75
C TYR A 219 33.42 10.71 17.61
N PHE A 224 32.03 20.51 15.04
CA PHE A 224 31.42 20.97 16.27
C PHE A 224 32.19 22.14 16.85
N VAL A 225 31.48 23.18 17.27
CA VAL A 225 32.12 24.36 17.86
C VAL A 225 31.48 24.73 19.18
N GLN A 226 32.22 25.43 20.03
CA GLN A 226 31.63 25.87 21.29
C GLN A 226 31.21 27.33 21.21
N VAL A 227 30.00 27.59 21.64
CA VAL A 227 29.46 28.94 21.64
C VAL A 227 29.22 29.48 23.04
N ALA A 228 28.43 28.76 23.85
CA ALA A 228 28.12 29.25 25.19
C ALA A 228 27.46 28.18 26.03
N PRO A 229 27.81 27.99 27.31
CA PRO A 229 27.21 26.97 28.15
C PRO A 229 25.70 27.08 28.17
N GLY A 230 25.04 25.95 28.02
CA GLY A 230 23.60 25.85 27.99
C GLY A 230 22.97 26.22 26.64
N CYS A 231 23.79 26.62 25.66
CA CYS A 231 23.24 27.07 24.38
C CYS A 231 23.61 26.24 23.14
N GLY A 232 23.92 24.95 23.28
CA GLY A 232 24.28 24.21 22.08
C GLY A 232 23.06 23.69 21.35
N VAL A 233 23.31 23.06 20.21
CA VAL A 233 22.25 22.46 19.42
C VAL A 233 22.84 21.47 18.41
N PRO A 234 22.34 20.25 18.34
CA PRO A 234 22.71 19.26 17.37
C PRO A 234 22.03 19.51 16.04
N ILE A 235 22.65 19.08 14.96
CA ILE A 235 21.96 18.99 13.69
C ILE A 235 21.75 17.50 13.45
N VAL A 236 20.49 17.09 13.41
CA VAL A 236 20.17 15.67 13.29
C VAL A 236 19.29 15.34 12.11
N ASP A 237 19.27 16.20 11.12
CA ASP A 237 18.32 15.96 10.05
C ASP A 237 18.77 14.82 9.16
N SER A 238 20.07 14.71 8.90
CA SER A 238 20.54 13.58 8.11
C SER A 238 20.74 12.40 9.04
N TYR A 239 21.06 12.66 10.31
CA TYR A 239 21.30 11.56 11.22
C TYR A 239 20.09 10.65 11.29
N TYR A 240 18.93 11.24 11.59
CA TYR A 240 17.79 10.37 11.72
C TYR A 240 17.26 9.98 10.37
N SER A 241 17.27 10.86 9.38
CA SER A 241 16.68 10.48 8.11
C SER A 241 17.41 9.30 7.49
N LEU A 242 18.73 9.23 7.67
CA LEU A 242 19.45 8.11 7.14
C LEU A 242 19.06 6.80 7.84
N LEU A 243 18.87 6.84 9.18
CA LEU A 243 18.44 5.68 9.98
C LEU A 243 16.98 5.28 9.82
N MET A 244 16.09 6.25 9.61
CA MET A 244 14.65 5.98 9.58
C MET A 244 14.21 4.73 8.80
N PRO A 245 14.65 4.46 7.56
CA PRO A 245 14.28 3.31 6.77
C PRO A 245 14.63 1.96 7.40
N ILE A 246 15.51 1.91 8.40
CA ILE A 246 15.83 0.63 8.98
C ILE A 246 15.24 0.48 10.38
N LEU A 247 14.46 1.47 10.85
CA LEU A 247 13.93 1.38 12.21
C LEU A 247 12.71 0.48 12.26
N THR A 248 11.94 0.41 11.16
CA THR A 248 10.80 -0.51 11.17
C THR A 248 11.25 -1.88 10.66
N LEU A 249 12.35 -1.91 9.91
CA LEU A 249 12.89 -3.16 9.37
C LEU A 249 13.51 -4.01 10.46
N THR A 250 14.26 -3.37 11.36
CA THR A 250 14.95 -4.06 12.44
C THR A 250 14.12 -4.06 13.71
N ARG A 251 12.92 -3.53 13.64
CA ARG A 251 12.02 -3.46 14.78
C ARG A 251 12.69 -2.76 15.96
N ALA A 252 13.14 -1.54 15.74
CA ALA A 252 13.85 -0.75 16.74
C ALA A 252 13.04 -0.58 18.01
N LEU A 253 11.72 -0.51 17.92
CA LEU A 253 10.96 -0.29 19.12
C LEU A 253 10.36 -1.57 19.66
N ALA A 254 10.89 -2.73 19.27
CA ALA A 254 10.34 -3.99 19.75
C ALA A 254 10.27 -4.07 21.28
N ALA A 255 11.21 -3.44 21.98
CA ALA A 255 11.24 -3.47 23.44
C ALA A 255 10.14 -2.62 24.07
N GLU A 256 9.55 -1.70 23.33
CA GLU A 256 8.66 -0.72 23.92
C GLU A 256 7.28 -1.26 24.20
N SER A 257 7.03 -2.50 23.79
CA SER A 257 5.75 -3.16 24.05
C SER A 257 5.78 -3.82 25.43
N HIS A 258 6.97 -3.80 26.07
CA HIS A 258 7.24 -4.40 27.38
C HIS A 258 7.08 -3.34 28.46
N MET A 259 6.78 -3.77 29.70
CA MET A 259 6.44 -2.84 30.79
C MET A 259 7.37 -1.67 31.04
N ASP A 260 8.66 -1.89 31.05
CA ASP A 260 9.61 -0.83 31.25
C ASP A 260 10.52 -0.69 30.04
N ALA A 261 9.99 -1.01 28.86
CA ALA A 261 10.72 -0.98 27.60
C ALA A 261 11.98 -1.84 27.65
N ASP A 262 11.79 -3.07 28.15
CA ASP A 262 12.81 -4.10 28.32
C ASP A 262 12.31 -5.48 27.86
N LEU A 263 12.95 -6.02 26.83
CA LEU A 263 12.57 -7.30 26.21
C LEU A 263 12.67 -8.49 27.15
N ALA A 264 13.41 -8.32 28.24
CA ALA A 264 13.59 -9.37 29.23
C ALA A 264 12.39 -9.51 30.17
N LYS A 265 11.45 -8.58 30.12
CA LYS A 265 10.30 -8.57 31.01
C LYS A 265 8.98 -8.77 30.23
N PRO A 266 7.86 -9.07 30.92
CA PRO A 266 6.52 -9.23 30.36
C PRO A 266 5.98 -7.98 29.66
N LEU A 267 5.03 -8.26 28.76
CA LEU A 267 4.33 -7.28 27.93
C LEU A 267 3.36 -6.43 28.70
N ILE A 268 3.11 -5.23 28.17
CA ILE A 268 2.18 -4.30 28.76
C ILE A 268 0.75 -4.77 28.61
N LYS A 269 0.05 -4.78 29.73
CA LYS A 269 -1.33 -5.18 29.75
C LYS A 269 -2.15 -3.98 29.36
N TRP A 270 -2.14 -3.69 28.07
CA TRP A 270 -2.78 -2.50 27.57
C TRP A 270 -4.27 -2.62 27.74
N ASP A 271 -4.90 -1.52 28.13
CA ASP A 271 -6.34 -1.47 28.24
C ASP A 271 -6.95 -1.56 26.86
N LEU A 272 -7.83 -2.52 26.65
CA LEU A 272 -8.44 -2.70 25.35
C LEU A 272 -9.23 -1.48 24.95
N LEU A 273 -9.79 -0.77 25.91
CA LEU A 273 -10.63 0.37 25.56
C LEU A 273 -9.83 1.63 25.25
N LYS A 274 -8.50 1.59 25.37
CA LYS A 274 -7.70 2.76 25.07
C LYS A 274 -7.59 2.89 23.55
N TYR A 275 -7.93 4.05 23.01
CA TYR A 275 -7.87 4.21 21.56
C TYR A 275 -7.06 5.39 21.07
N ASP A 276 -6.55 6.21 21.97
CA ASP A 276 -5.88 7.41 21.52
C ASP A 276 -4.37 7.26 21.26
N PHE A 277 -3.65 6.88 22.31
CA PHE A 277 -2.21 6.74 22.32
C PHE A 277 -1.45 8.04 21.95
N THR A 278 -2.05 9.22 22.19
CA THR A 278 -1.36 10.45 21.82
C THR A 278 -0.15 10.65 22.71
N GLU A 279 -0.34 10.45 24.00
CA GLU A 279 0.73 10.61 24.97
C GLU A 279 1.79 9.57 24.75
N GLU A 280 1.40 8.37 24.36
CA GLU A 280 2.39 7.31 24.17
C GLU A 280 3.28 7.65 22.98
N ARG A 281 2.68 8.20 21.91
CA ARG A 281 3.49 8.58 20.75
C ARG A 281 4.39 9.74 21.08
N LEU A 282 3.90 10.69 21.87
CA LEU A 282 4.73 11.81 22.24
C LEU A 282 5.86 11.35 23.13
N CYS A 283 5.60 10.39 24.01
CA CYS A 283 6.65 9.89 24.89
C CYS A 283 7.73 9.22 24.06
N LEU A 284 7.35 8.44 23.04
CA LEU A 284 8.36 7.82 22.20
C LEU A 284 9.11 8.87 21.39
N PHE A 285 8.39 9.86 20.88
CA PHE A 285 9.02 10.89 20.07
C PHE A 285 10.10 11.59 20.86
N ASP A 286 9.80 11.95 22.11
CA ASP A 286 10.75 12.68 22.94
C ASP A 286 11.77 11.79 23.63
N ARG A 287 11.70 10.48 23.38
CA ARG A 287 12.62 9.51 23.95
C ARG A 287 13.67 9.16 22.92
N TYR A 288 13.24 9.04 21.66
CA TYR A 288 14.11 8.66 20.55
C TYR A 288 14.49 9.78 19.58
N PHE A 289 13.57 10.71 19.31
CA PHE A 289 13.71 11.80 18.34
C PHE A 289 13.59 13.15 19.01
N LYS A 290 14.10 13.25 20.23
CA LYS A 290 14.00 14.46 21.04
C LYS A 290 14.51 15.70 20.33
N TYR A 291 15.56 15.57 19.52
CA TYR A 291 16.16 16.70 18.86
C TYR A 291 15.73 16.85 17.41
N TRP A 292 14.74 16.09 17.00
CA TRP A 292 14.25 16.23 15.65
C TRP A 292 13.42 17.50 15.66
N ASP A 293 14.08 18.61 15.40
CA ASP A 293 13.44 19.90 15.58
C ASP A 293 12.56 20.33 14.43
N GLN A 294 11.42 19.67 14.34
CA GLN A 294 10.36 19.90 13.38
C GLN A 294 9.05 19.56 14.07
N THR A 295 8.02 20.36 13.90
CA THR A 295 6.78 20.10 14.61
C THR A 295 6.15 18.75 14.29
N TYR A 296 5.84 18.02 15.36
CA TYR A 296 5.22 16.72 15.29
C TYR A 296 3.80 16.83 15.80
N HIS A 297 2.89 16.29 15.00
CA HIS A 297 1.47 16.29 15.21
C HIS A 297 1.00 14.84 15.20
N PRO A 298 0.98 14.12 16.34
CA PRO A 298 0.62 12.70 16.39
C PRO A 298 -0.67 12.44 15.63
N ASN A 299 -1.59 13.38 15.76
CA ASN A 299 -2.86 13.32 15.08
C ASN A 299 -2.70 14.23 13.86
N CYS A 300 -2.66 13.62 12.65
CA CYS A 300 -2.32 14.34 11.43
C CYS A 300 -3.36 15.35 10.99
N ILE A 301 -4.50 15.32 11.64
CA ILE A 301 -5.58 16.25 11.40
C ILE A 301 -5.15 17.67 11.72
N ASN A 302 -4.11 17.82 12.55
CA ASN A 302 -3.61 19.12 12.94
C ASN A 302 -2.48 19.66 12.06
N CYS A 303 -2.16 18.97 10.96
CA CYS A 303 -1.10 19.40 10.07
C CYS A 303 -1.54 20.56 9.18
N LEU A 304 -0.63 21.52 8.97
CA LEU A 304 -0.84 22.72 8.15
C LEU A 304 -0.88 22.52 6.63
N ASP A 305 -0.18 21.52 6.13
CA ASP A 305 -0.11 21.25 4.70
C ASP A 305 0.06 19.76 4.47
N ASP A 306 0.28 19.33 3.21
CA ASP A 306 0.45 17.91 2.93
C ASP A 306 1.84 17.40 3.33
N ARG A 307 2.84 18.28 3.32
CA ARG A 307 4.20 17.90 3.66
C ARG A 307 4.26 17.51 5.14
N CYS A 308 3.59 18.29 5.98
CA CYS A 308 3.57 18.02 7.41
C CYS A 308 2.84 16.72 7.69
N ILE A 309 1.86 16.40 6.85
CA ILE A 309 1.09 15.17 7.00
C ILE A 309 1.98 13.95 6.83
N LEU A 310 2.85 14.00 5.83
CA LEU A 310 3.77 12.90 5.57
C LEU A 310 4.87 12.87 6.61
N HIS A 311 5.21 14.04 7.14
CA HIS A 311 6.26 14.16 8.16
C HIS A 311 5.83 13.45 9.44
N CYS A 312 4.59 13.64 9.84
CA CYS A 312 4.07 13.03 11.04
C CYS A 312 3.73 11.57 10.87
N ALA A 313 3.13 11.22 9.73
CA ALA A 313 2.72 9.86 9.48
C ALA A 313 3.91 8.95 9.52
N ASN A 314 5.06 9.44 9.05
CA ASN A 314 6.24 8.62 9.05
C ASN A 314 6.63 8.20 10.48
N PHE A 315 6.38 9.06 11.48
CA PHE A 315 6.71 8.74 12.86
C PHE A 315 5.68 7.82 13.41
N ASN A 316 4.43 8.05 13.01
CA ASN A 316 3.34 7.24 13.50
C ASN A 316 3.50 5.80 13.03
N VAL A 317 4.08 5.60 11.85
CA VAL A 317 4.28 4.24 11.40
C VAL A 317 5.14 3.45 12.36
N LEU A 318 6.22 4.06 12.83
CA LEU A 318 7.12 3.40 13.76
C LEU A 318 6.51 3.27 15.15
N PHE A 319 5.88 4.33 15.64
CA PHE A 319 5.35 4.32 17.01
C PHE A 319 4.21 3.33 17.15
N SER A 320 3.38 3.21 16.13
CA SER A 320 2.21 2.36 16.12
C SER A 320 2.56 0.87 16.13
N THR A 321 3.84 0.53 15.93
CA THR A 321 4.27 -0.86 15.88
C THR A 321 4.20 -1.53 17.24
N VAL A 322 4.04 -0.74 18.31
CA VAL A 322 3.95 -1.32 19.63
C VAL A 322 2.60 -1.12 20.32
N PHE A 323 1.57 -0.75 19.57
CA PHE A 323 0.26 -0.58 20.20
C PHE A 323 -0.58 -1.78 19.77
N PRO A 324 -1.59 -2.24 20.55
CA PRO A 324 -2.41 -3.40 20.25
C PRO A 324 -3.09 -3.29 18.90
N PRO A 325 -3.27 -4.40 18.16
CA PRO A 325 -3.92 -4.46 16.85
C PRO A 325 -5.40 -4.14 16.91
N THR A 326 -5.95 -4.22 18.12
CA THR A 326 -7.35 -3.98 18.37
C THR A 326 -7.61 -2.52 18.70
N SER A 327 -6.55 -1.75 18.95
CA SER A 327 -6.68 -0.35 19.34
C SER A 327 -6.91 0.53 18.12
N PHE A 328 -6.64 -0.02 16.95
CA PHE A 328 -6.69 0.63 15.65
C PHE A 328 -7.96 0.28 14.95
N GLY A 329 -8.34 1.08 13.96
CA GLY A 329 -9.52 0.78 13.20
C GLY A 329 -10.65 1.70 13.61
N PRO A 330 -11.87 1.44 13.17
CA PRO A 330 -13.02 2.28 13.39
C PRO A 330 -13.20 2.45 14.87
N LEU A 331 -13.63 3.64 15.26
CA LEU A 331 -13.90 3.93 16.66
C LEU A 331 -15.37 4.12 16.75
N VAL A 332 -15.99 3.49 17.73
CA VAL A 332 -17.43 3.54 17.79
C VAL A 332 -18.04 3.98 19.10
N ARG A 333 -19.27 4.45 18.96
CA ARG A 333 -20.09 4.90 20.07
C ARG A 333 -21.49 4.38 19.95
N LYS A 334 -22.18 4.33 21.08
CA LYS A 334 -23.60 4.03 21.10
C LYS A 334 -24.36 5.33 20.83
N ILE A 335 -25.23 5.29 19.82
CA ILE A 335 -26.05 6.45 19.48
C ILE A 335 -27.49 6.03 19.48
N PHE A 336 -28.41 6.96 19.51
CA PHE A 336 -29.81 6.54 19.47
C PHE A 336 -30.63 7.14 18.35
N VAL A 337 -31.49 6.29 17.77
CA VAL A 337 -32.48 6.73 16.78
C VAL A 337 -33.83 6.24 17.27
N ASP A 338 -34.78 7.13 17.50
CA ASP A 338 -36.12 6.77 18.01
C ASP A 338 -35.98 5.98 19.32
N GLY A 339 -34.98 6.30 20.15
CA GLY A 339 -34.75 5.62 21.42
C GLY A 339 -34.01 4.27 21.33
N VAL A 340 -33.67 3.84 20.11
CA VAL A 340 -33.02 2.55 19.91
C VAL A 340 -31.52 2.71 19.70
N PRO A 341 -30.66 2.07 20.52
CA PRO A 341 -29.22 2.18 20.43
C PRO A 341 -28.65 1.50 19.20
N PHE A 342 -27.68 2.13 18.57
CA PHE A 342 -26.90 1.63 17.44
C PHE A 342 -25.44 1.75 17.76
N VAL A 343 -24.61 0.90 17.20
CA VAL A 343 -23.18 1.11 17.34
C VAL A 343 -22.71 1.61 15.99
N VAL A 344 -22.17 2.81 15.97
CA VAL A 344 -21.72 3.38 14.71
C VAL A 344 -20.33 3.93 14.84
N SER A 345 -19.64 4.10 13.73
CA SER A 345 -18.35 4.73 13.77
C SER A 345 -18.55 6.23 13.88
N THR A 346 -17.80 6.83 14.80
CA THR A 346 -17.85 8.27 15.03
C THR A 346 -16.46 8.84 14.86
N GLY A 347 -15.60 8.05 14.24
CA GLY A 347 -14.20 8.37 14.00
C GLY A 347 -13.44 7.11 13.67
N TYR A 348 -12.12 7.25 13.50
CA TYR A 348 -11.25 6.13 13.14
C TYR A 348 -9.82 6.35 13.68
N HIS A 349 -9.18 5.27 14.13
CA HIS A 349 -7.79 5.35 14.58
C HIS A 349 -6.87 4.73 13.54
N PHE A 350 -6.05 5.58 12.92
CA PHE A 350 -5.19 5.14 11.85
C PHE A 350 -3.78 4.88 12.35
N ARG A 351 -3.15 3.82 11.86
CA ARG A 351 -1.77 3.58 12.25
C ARG A 351 -0.85 4.72 11.83
N GLU A 352 -1.12 5.28 10.65
CA GLU A 352 -0.35 6.38 10.09
C GLU A 352 -0.88 7.78 10.40
N LEU A 353 -2.19 7.95 10.53
CA LEU A 353 -2.73 9.30 10.71
C LEU A 353 -3.15 9.68 12.13
N GLY A 354 -3.16 8.76 13.09
CA GLY A 354 -3.61 9.08 14.44
C GLY A 354 -5.13 9.07 14.51
N VAL A 355 -5.69 9.73 15.52
CA VAL A 355 -7.13 9.64 15.66
C VAL A 355 -7.88 10.77 15.00
N VAL A 356 -8.81 10.38 14.15
CA VAL A 356 -9.63 11.31 13.44
C VAL A 356 -11.07 11.13 13.88
N HIS A 357 -11.66 12.19 14.42
CA HIS A 357 -13.05 12.10 14.86
C HIS A 357 -14.03 12.63 13.85
N ASN A 358 -15.25 12.12 13.90
CA ASN A 358 -16.30 12.65 13.05
C ASN A 358 -16.93 13.86 13.70
N GLN A 359 -17.54 14.72 12.90
CA GLN A 359 -18.18 15.91 13.40
C GLN A 359 -19.69 15.83 13.32
N ASP A 360 -20.20 15.24 12.24
CA ASP A 360 -21.63 15.16 12.00
C ASP A 360 -22.21 13.91 12.64
N VAL A 361 -22.14 13.89 13.95
CA VAL A 361 -22.63 12.77 14.72
C VAL A 361 -23.87 13.25 15.46
N ASN A 362 -25.01 12.68 15.12
CA ASN A 362 -26.27 13.15 15.66
C ASN A 362 -27.03 12.09 16.42
N LEU A 363 -27.21 12.33 17.71
CA LEU A 363 -27.86 11.38 18.58
C LEU A 363 -29.26 11.83 18.88
N HIS A 364 -30.12 10.84 19.16
CA HIS A 364 -31.51 11.04 19.52
C HIS A 364 -32.27 11.62 18.35
N SER A 365 -31.94 11.11 17.17
CA SER A 365 -32.61 11.49 15.96
C SER A 365 -33.90 10.71 15.94
N SER A 366 -34.85 11.07 15.10
CA SER A 366 -36.09 10.30 15.06
C SER A 366 -36.05 9.22 14.01
N ARG A 367 -35.42 9.52 12.89
CA ARG A 367 -35.38 8.61 11.76
C ARG A 367 -34.08 8.82 11.03
N LEU A 368 -33.64 7.81 10.30
CA LEU A 368 -32.46 7.97 9.46
C LEU A 368 -32.86 8.27 8.03
N SER A 369 -32.12 9.16 7.40
CA SER A 369 -32.33 9.54 6.01
C SER A 369 -31.72 8.48 5.11
N PHE A 370 -32.03 8.51 3.81
CA PHE A 370 -31.43 7.52 2.91
C PHE A 370 -29.91 7.56 3.01
N LYS A 371 -29.38 8.77 3.02
CA LYS A 371 -27.94 8.98 3.10
C LYS A 371 -27.38 8.42 4.41
N GLU A 372 -28.07 8.69 5.52
CA GLU A 372 -27.61 8.15 6.80
C GLU A 372 -27.68 6.64 6.82
N LEU A 373 -28.71 6.07 6.19
CA LEU A 373 -28.82 4.63 6.13
C LEU A 373 -27.69 4.04 5.29
N LEU A 374 -27.28 4.71 4.19
CA LEU A 374 -26.16 4.20 3.39
C LEU A 374 -24.88 4.22 4.20
N VAL A 375 -24.70 5.29 4.99
CA VAL A 375 -23.52 5.40 5.81
C VAL A 375 -23.52 4.32 6.87
N TYR A 376 -24.66 4.07 7.51
CA TYR A 376 -24.72 3.05 8.55
C TYR A 376 -24.64 1.64 7.98
N ALA A 377 -25.30 1.37 6.86
CA ALA A 377 -25.28 0.05 6.26
C ALA A 377 -23.85 -0.34 5.89
N ALA A 378 -23.08 0.64 5.43
CA ALA A 378 -21.70 0.44 5.01
C ALA A 378 -20.71 0.35 6.17
N ASP A 379 -21.17 0.71 7.37
CA ASP A 379 -20.35 0.84 8.54
C ASP A 379 -20.27 -0.46 9.35
N PRO A 380 -19.08 -1.12 9.45
CA PRO A 380 -18.85 -2.39 10.07
C PRO A 380 -19.20 -2.36 11.52
N ALA A 381 -19.35 -1.18 12.10
CA ALA A 381 -19.71 -1.11 13.50
C ALA A 381 -20.99 -1.86 13.79
N MET A 382 -21.93 -1.83 12.84
CA MET A 382 -23.20 -2.50 12.99
C MET A 382 -23.14 -4.00 12.77
N HIS A 383 -22.10 -4.45 12.07
CA HIS A 383 -21.98 -5.83 11.63
C HIS A 383 -21.06 -6.61 12.56
N ALA A 384 -19.94 -6.00 12.93
CA ALA A 384 -18.99 -6.69 13.77
C ALA A 384 -19.45 -6.77 15.21
N ALA A 385 -20.04 -5.69 15.75
CA ALA A 385 -20.45 -5.65 17.16
C ALA A 385 -21.59 -6.61 17.47
N SER A 386 -22.33 -6.96 16.41
CA SER A 386 -23.52 -7.79 16.40
C SER A 386 -23.26 -9.22 15.89
N GLY A 387 -22.00 -9.54 15.56
CA GLY A 387 -21.67 -10.85 15.00
C GLY A 387 -21.10 -11.83 16.01
N ASN A 388 -20.46 -12.88 15.49
CA ASN A 388 -19.86 -13.92 16.31
C ASN A 388 -18.40 -13.61 16.53
N LEU A 389 -17.84 -14.10 17.62
CA LEU A 389 -16.43 -13.87 17.86
C LEU A 389 -15.69 -14.81 16.93
N LEU A 390 -14.60 -14.38 16.30
CA LEU A 390 -13.89 -15.28 15.41
C LEU A 390 -12.42 -15.51 15.69
N LEU A 391 -12.06 -16.79 15.82
CA LEU A 391 -10.70 -17.23 15.99
C LEU A 391 -10.27 -18.04 14.77
N ASP A 392 -9.51 -17.43 13.88
CA ASP A 392 -9.14 -18.10 12.64
C ASP A 392 -7.67 -18.49 12.66
N LYS A 393 -7.39 -19.78 12.79
CA LYS A 393 -6.02 -20.27 12.91
C LYS A 393 -5.38 -20.59 11.58
N ARG A 394 -6.09 -20.37 10.47
CA ARG A 394 -5.53 -20.69 9.16
C ARG A 394 -4.64 -19.57 8.64
N THR A 395 -4.72 -18.42 9.29
CA THR A 395 -4.02 -17.22 8.86
C THR A 395 -3.18 -16.54 9.90
N THR A 396 -2.51 -15.50 9.44
CA THR A 396 -1.64 -14.66 10.26
C THR A 396 -2.23 -13.26 10.35
N CYS A 397 -3.33 -13.05 9.66
CA CYS A 397 -3.98 -11.76 9.60
C CYS A 397 -4.96 -11.57 10.74
N PHE A 398 -5.09 -10.33 11.20
CA PHE A 398 -6.04 -9.98 12.25
C PHE A 398 -7.47 -9.93 11.74
N SER A 399 -8.37 -10.56 12.49
CA SER A 399 -9.79 -10.58 12.16
C SER A 399 -10.60 -9.89 13.23
N VAL A 400 -11.80 -9.46 12.87
CA VAL A 400 -12.66 -8.82 13.86
C VAL A 400 -13.88 -9.63 14.27
N ALA A 401 -14.65 -10.12 13.28
CA ALA A 401 -15.87 -10.85 13.63
C ALA A 401 -16.36 -11.72 12.51
N ALA A 402 -17.10 -12.77 12.84
CA ALA A 402 -17.78 -13.57 11.83
C ALA A 402 -19.20 -13.05 11.71
N LEU A 403 -19.76 -12.95 10.51
CA LEU A 403 -21.12 -12.46 10.44
C LEU A 403 -22.10 -13.62 10.36
N THR A 404 -21.54 -14.82 10.31
CA THR A 404 -22.34 -16.02 10.21
C THR A 404 -21.95 -17.08 11.20
N ASN A 405 -22.70 -18.18 11.14
CA ASN A 405 -22.50 -19.32 12.01
C ASN A 405 -21.72 -20.41 11.27
N GLY A 415 -13.37 -21.76 -14.56
CA GLY A 415 -13.39 -20.75 -15.60
C GLY A 415 -14.27 -21.18 -16.78
N ASN A 416 -14.44 -20.29 -17.74
CA ASN A 416 -15.24 -20.58 -18.93
C ASN A 416 -14.34 -21.13 -20.02
N PHE A 417 -14.37 -22.45 -20.21
CA PHE A 417 -13.48 -23.08 -21.17
C PHE A 417 -14.09 -23.11 -22.55
N ASN A 418 -13.46 -22.46 -23.50
CA ASN A 418 -14.05 -22.41 -24.82
C ASN A 418 -13.60 -23.62 -25.60
N LYS A 419 -14.38 -24.69 -25.45
CA LYS A 419 -14.07 -25.97 -26.06
C LYS A 419 -14.07 -25.89 -27.57
N ASP A 420 -14.96 -25.09 -28.16
CA ASP A 420 -15.02 -25.08 -29.63
C ASP A 420 -13.75 -24.48 -30.21
N PHE A 421 -13.24 -23.43 -29.58
CA PHE A 421 -12.01 -22.82 -30.03
C PHE A 421 -10.87 -23.73 -29.77
N TYR A 422 -10.83 -24.32 -28.57
CA TYR A 422 -9.76 -25.20 -28.22
C TYR A 422 -9.64 -26.32 -29.23
N ASP A 423 -10.75 -27.02 -29.49
CA ASP A 423 -10.68 -28.14 -30.42
C ASP A 423 -10.21 -27.67 -31.80
N PHE A 424 -10.69 -26.50 -32.23
CA PHE A 424 -10.27 -25.99 -33.52
C PHE A 424 -8.77 -25.74 -33.53
N ALA A 425 -8.26 -25.03 -32.53
CA ALA A 425 -6.84 -24.69 -32.47
C ALA A 425 -5.95 -25.92 -32.32
N VAL A 426 -6.40 -26.91 -31.57
CA VAL A 426 -5.63 -28.13 -31.33
C VAL A 426 -5.42 -28.89 -32.63
N SER A 427 -6.45 -28.94 -33.47
CA SER A 427 -6.40 -29.65 -34.74
C SER A 427 -5.39 -29.03 -35.72
N LYS A 428 -4.92 -27.81 -35.46
CA LYS A 428 -3.98 -27.16 -36.36
C LYS A 428 -2.55 -27.48 -35.94
N TYR A 458 -1.45 -10.23 1.29
CA TYR A 458 -1.24 -8.95 1.97
C TYR A 458 -0.42 -9.19 3.22
N ARG A 459 -0.01 -10.44 3.38
CA ARG A 459 0.76 -10.90 4.53
C ARG A 459 2.18 -10.35 4.56
N TYR A 460 2.60 -9.77 3.44
CA TYR A 460 3.93 -9.22 3.32
C TYR A 460 3.93 -7.70 3.44
N ASN A 461 2.79 -7.10 3.82
CA ASN A 461 2.81 -5.66 3.92
C ASN A 461 3.28 -5.27 5.32
N LEU A 462 4.51 -4.75 5.40
CA LEU A 462 5.11 -4.44 6.69
C LEU A 462 5.05 -2.95 6.96
N PRO A 463 4.93 -2.50 8.22
CA PRO A 463 5.03 -1.10 8.57
C PRO A 463 6.36 -0.67 8.00
N THR A 464 6.37 0.40 7.26
CA THR A 464 7.62 0.84 6.68
C THR A 464 7.84 2.32 6.91
N MET A 465 8.97 2.67 7.50
CA MET A 465 9.30 4.07 7.75
C MET A 465 10.15 4.53 6.59
N CYS A 466 9.99 5.78 6.20
CA CYS A 466 10.73 6.36 5.10
C CYS A 466 11.77 7.40 5.53
N ASP A 467 12.76 7.60 4.67
CA ASP A 467 13.68 8.72 4.86
C ASP A 467 12.84 9.91 4.48
N ILE A 468 12.43 10.70 5.49
CA ILE A 468 11.51 11.79 5.27
C ILE A 468 12.14 12.95 4.55
N ARG A 469 13.42 13.20 4.83
CA ARG A 469 14.08 14.29 4.15
C ARG A 469 14.14 13.98 2.66
N GLN A 470 14.34 12.71 2.32
CA GLN A 470 14.32 12.34 0.92
C GLN A 470 12.90 12.27 0.38
N LEU A 471 11.94 11.72 1.13
CA LEU A 471 10.58 11.60 0.63
C LEU A 471 9.99 12.95 0.31
N LEU A 472 10.30 13.96 1.13
CA LEU A 472 9.77 15.30 0.92
C LEU A 472 10.49 16.06 -0.22
N PHE A 473 11.60 15.52 -0.71
CA PHE A 473 12.28 16.10 -1.86
C PHE A 473 11.70 15.45 -3.09
N VAL A 474 11.63 14.13 -3.02
CA VAL A 474 11.18 13.32 -4.12
C VAL A 474 9.76 13.69 -4.47
N VAL A 475 8.90 13.89 -3.48
CA VAL A 475 7.52 14.23 -3.80
C VAL A 475 7.41 15.54 -4.60
N GLU A 476 8.36 16.47 -4.47
CA GLU A 476 8.26 17.71 -5.23
C GLU A 476 8.61 17.41 -6.69
N VAL A 477 9.56 16.49 -6.88
CA VAL A 477 9.99 16.09 -8.21
C VAL A 477 8.84 15.30 -8.85
N VAL A 478 8.21 14.45 -8.06
CA VAL A 478 7.09 13.63 -8.52
C VAL A 478 5.98 14.56 -8.96
N ASP A 479 5.71 15.61 -8.18
CA ASP A 479 4.68 16.57 -8.54
C ASP A 479 5.02 17.25 -9.87
N LYS A 480 6.30 17.55 -10.13
CA LYS A 480 6.66 18.17 -11.40
C LYS A 480 6.25 17.29 -12.57
N TYR A 481 6.39 15.98 -12.41
CA TYR A 481 6.03 15.04 -13.46
C TYR A 481 4.53 15.03 -13.70
N PHE A 482 3.79 15.66 -12.78
CA PHE A 482 2.33 15.73 -12.89
C PHE A 482 1.87 17.16 -13.13
N ASP A 483 2.77 17.98 -13.64
CA ASP A 483 2.46 19.39 -13.91
C ASP A 483 2.10 19.66 -15.37
N CYS A 484 1.26 18.81 -15.95
CA CYS A 484 0.83 18.98 -17.33
C CYS A 484 -0.67 18.73 -17.52
N TYR A 485 -1.25 17.93 -16.64
CA TYR A 485 -2.67 17.61 -16.73
C TYR A 485 -3.55 18.52 -15.87
N ASP A 486 -4.85 18.49 -16.12
CA ASP A 486 -5.82 19.28 -15.38
C ASP A 486 -6.47 18.45 -14.27
N GLY A 487 -7.00 19.12 -13.26
CA GLY A 487 -7.65 18.46 -12.15
C GLY A 487 -8.57 19.36 -11.35
N GLY A 488 -9.07 18.84 -10.24
CA GLY A 488 -9.97 19.60 -9.38
C GLY A 488 -11.19 18.77 -9.04
N CYS A 489 -12.14 19.39 -8.35
CA CYS A 489 -13.34 18.70 -7.88
C CYS A 489 -14.45 18.90 -8.85
N ILE A 490 -15.27 17.88 -9.01
CA ILE A 490 -16.45 18.01 -9.86
C ILE A 490 -17.67 17.69 -9.05
N ASN A 491 -18.84 18.06 -9.54
CA ASN A 491 -20.05 17.77 -8.80
C ASN A 491 -20.60 16.41 -9.18
N ALA A 492 -21.67 15.99 -8.52
CA ALA A 492 -22.25 14.68 -8.81
C ALA A 492 -22.75 14.55 -10.24
N ASN A 493 -23.25 15.62 -10.82
CA ASN A 493 -23.82 15.52 -12.16
C ASN A 493 -22.79 15.65 -13.24
N GLN A 494 -21.54 15.74 -12.84
CA GLN A 494 -20.43 15.80 -13.75
C GLN A 494 -19.67 14.49 -13.75
N VAL A 495 -20.13 13.52 -12.95
CA VAL A 495 -19.42 12.26 -12.85
C VAL A 495 -19.87 11.26 -13.89
N ILE A 496 -18.91 10.69 -14.58
CA ILE A 496 -19.20 9.69 -15.60
C ILE A 496 -18.97 8.30 -15.07
N VAL A 497 -20.02 7.48 -15.07
CA VAL A 497 -19.87 6.12 -14.60
C VAL A 497 -20.34 5.18 -15.68
N ASN A 498 -19.44 4.33 -16.16
CA ASN A 498 -19.84 3.39 -17.19
C ASN A 498 -20.08 2.00 -16.62
N ASN A 499 -19.36 1.63 -15.57
CA ASN A 499 -19.46 0.27 -15.07
C ASN A 499 -20.59 0.14 -14.04
N LEU A 500 -21.80 0.24 -14.53
CA LEU A 500 -22.96 0.24 -13.65
C LEU A 500 -23.41 -1.18 -13.32
N ASP A 501 -22.73 -2.14 -13.93
CA ASP A 501 -22.97 -3.56 -13.72
C ASP A 501 -22.04 -4.06 -12.61
N LYS A 502 -21.22 -3.16 -12.06
CA LYS A 502 -20.28 -3.50 -11.02
C LYS A 502 -21.00 -3.75 -9.70
N SER A 503 -20.54 -4.74 -8.95
CA SER A 503 -21.11 -5.01 -7.64
C SER A 503 -21.03 -3.80 -6.76
N ALA A 504 -22.09 -3.49 -6.00
CA ALA A 504 -22.09 -2.34 -5.14
C ALA A 504 -21.23 -2.54 -3.86
N GLY A 505 -20.85 -3.78 -3.58
CA GLY A 505 -20.03 -4.13 -2.42
C GLY A 505 -20.88 -4.50 -1.22
N PHE A 506 -20.34 -5.27 -0.29
CA PHE A 506 -21.08 -5.67 0.88
C PHE A 506 -21.49 -4.47 1.72
N PRO A 507 -22.73 -4.40 2.22
CA PRO A 507 -23.92 -5.24 2.06
C PRO A 507 -24.76 -4.86 0.86
N PHE A 508 -24.29 -3.92 0.08
CA PHE A 508 -25.09 -3.37 -0.98
C PHE A 508 -25.25 -4.36 -2.10
N ASN A 509 -24.28 -5.27 -2.20
CA ASN A 509 -24.28 -6.30 -3.22
C ASN A 509 -25.21 -7.45 -2.88
N LYS A 510 -25.91 -7.35 -1.74
CA LYS A 510 -26.89 -8.34 -1.40
C LYS A 510 -28.22 -7.86 -1.95
N TRP A 511 -28.24 -6.61 -2.43
CA TRP A 511 -29.43 -5.97 -2.94
C TRP A 511 -29.26 -5.65 -4.43
N GLY A 512 -28.03 -5.27 -4.86
CA GLY A 512 -27.83 -4.93 -6.28
C GLY A 512 -26.45 -4.42 -6.73
N LYS A 513 -26.43 -4.02 -8.00
CA LYS A 513 -25.25 -3.50 -8.70
C LYS A 513 -25.24 -2.00 -8.52
N ALA A 514 -24.12 -1.36 -8.88
CA ALA A 514 -23.94 0.08 -8.70
C ALA A 514 -25.07 0.89 -9.35
N ARG A 515 -25.61 0.42 -10.47
CA ARG A 515 -26.72 1.11 -11.14
C ARG A 515 -27.88 1.37 -10.18
N LEU A 516 -28.14 0.43 -9.28
CA LEU A 516 -29.26 0.51 -8.34
C LEU A 516 -29.13 1.70 -7.42
N TYR A 517 -27.91 2.14 -7.17
CA TYR A 517 -27.69 3.23 -6.26
C TYR A 517 -27.55 4.53 -7.05
N TYR A 518 -26.92 4.48 -8.22
CA TYR A 518 -26.74 5.70 -9.00
C TYR A 518 -28.06 6.22 -9.53
N ASP A 519 -29.01 5.32 -9.79
CA ASP A 519 -30.33 5.73 -10.26
C ASP A 519 -31.32 5.95 -9.11
N SER A 520 -30.86 5.83 -7.86
CA SER A 520 -31.73 6.07 -6.71
C SER A 520 -31.42 7.40 -6.07
N MET A 521 -30.13 7.72 -5.94
CA MET A 521 -29.76 8.98 -5.33
C MET A 521 -29.83 10.10 -6.35
N SER A 522 -30.36 11.24 -5.93
CA SER A 522 -30.41 12.42 -6.75
C SER A 522 -29.01 12.98 -6.79
N TYR A 523 -28.75 13.93 -7.69
CA TYR A 523 -27.41 14.47 -7.72
C TYR A 523 -27.15 15.30 -6.46
N GLU A 524 -28.20 15.89 -5.91
CA GLU A 524 -28.06 16.66 -4.69
C GLU A 524 -27.67 15.75 -3.54
N ASP A 525 -28.24 14.53 -3.50
CA ASP A 525 -27.89 13.58 -2.47
C ASP A 525 -26.48 13.05 -2.66
N GLN A 526 -26.07 12.87 -3.92
CA GLN A 526 -24.72 12.40 -4.19
C GLN A 526 -23.70 13.46 -3.75
N ASP A 527 -24.03 14.76 -3.96
CA ASP A 527 -23.16 15.84 -3.52
C ASP A 527 -23.13 15.91 -2.01
N ALA A 528 -24.27 15.66 -1.36
CA ALA A 528 -24.32 15.69 0.09
C ALA A 528 -23.49 14.57 0.71
N LEU A 529 -23.48 13.39 0.08
CA LEU A 529 -22.69 12.29 0.61
C LEU A 529 -21.22 12.64 0.46
N PHE A 530 -20.89 13.25 -0.68
CA PHE A 530 -19.53 13.68 -0.91
C PHE A 530 -19.11 14.68 0.15
N ALA A 531 -19.96 15.67 0.41
CA ALA A 531 -19.64 16.67 1.42
C ALA A 531 -19.46 16.03 2.79
N TYR A 532 -20.24 15.01 3.10
CA TYR A 532 -20.10 14.32 4.38
C TYR A 532 -18.66 13.85 4.56
N THR A 533 -18.09 13.26 3.50
CA THR A 533 -16.74 12.69 3.59
C THR A 533 -15.64 13.77 3.66
N LYS A 534 -16.01 15.04 3.50
CA LYS A 534 -15.03 16.12 3.59
C LYS A 534 -15.00 16.64 5.04
N ARG A 535 -15.92 16.14 5.88
CA ARG A 535 -15.99 16.54 7.27
C ARG A 535 -15.85 15.36 8.23
N ASN A 536 -16.08 14.14 7.73
CA ASN A 536 -16.10 12.95 8.54
C ASN A 536 -15.39 11.80 7.82
N VAL A 537 -15.29 10.63 8.48
CA VAL A 537 -14.72 9.41 7.91
C VAL A 537 -15.71 8.25 7.91
N ILE A 538 -15.86 7.59 6.74
CA ILE A 538 -16.73 6.42 6.65
C ILE A 538 -15.88 5.16 6.34
N PRO A 539 -15.61 4.29 7.30
CA PRO A 539 -14.79 3.10 7.18
C PRO A 539 -15.56 1.95 6.56
N THR A 540 -15.71 1.96 5.24
CA THR A 540 -16.55 1.02 4.51
C THR A 540 -16.00 -0.43 4.45
N ILE A 541 -16.89 -1.34 3.98
CA ILE A 541 -16.56 -2.76 3.85
C ILE A 541 -16.46 -3.19 2.38
N THR A 542 -15.36 -3.83 2.05
CA THR A 542 -15.13 -4.37 0.71
C THR A 542 -15.20 -5.88 0.78
N GLN A 543 -14.95 -6.54 -0.34
CA GLN A 543 -15.07 -7.98 -0.33
C GLN A 543 -14.03 -8.67 -1.18
N MET A 544 -13.47 -9.75 -0.65
CA MET A 544 -12.46 -10.51 -1.33
C MET A 544 -13.09 -11.57 -2.23
N VAL A 562 -14.32 -2.48 -3.64
CA VAL A 562 -14.58 -1.21 -3.00
C VAL A 562 -16.04 -0.86 -3.22
N SER A 563 -16.78 -0.66 -2.12
CA SER A 563 -18.22 -0.39 -2.17
C SER A 563 -18.60 1.02 -2.61
N ILE A 564 -19.88 1.17 -2.92
CA ILE A 564 -20.44 2.44 -3.38
C ILE A 564 -20.32 3.62 -2.42
N CYS A 565 -20.25 3.40 -1.10
CA CYS A 565 -20.13 4.53 -0.21
C CYS A 565 -18.73 5.14 -0.25
N SER A 566 -17.85 4.54 -1.04
CA SER A 566 -16.51 5.00 -1.32
C SER A 566 -16.42 5.44 -2.77
N THR A 567 -16.82 4.58 -3.72
CA THR A 567 -16.62 4.92 -5.13
C THR A 567 -17.52 6.09 -5.60
N MET A 568 -18.68 6.29 -4.96
CA MET A 568 -19.57 7.38 -5.32
C MET A 568 -18.99 8.73 -5.00
N THR A 569 -18.04 8.78 -4.06
CA THR A 569 -17.43 10.02 -3.65
C THR A 569 -15.99 10.13 -4.15
N ASN A 570 -15.33 9.00 -4.44
CA ASN A 570 -13.97 9.05 -4.96
C ASN A 570 -13.95 9.60 -6.36
N ARG A 571 -15.02 9.37 -7.14
CA ARG A 571 -15.01 9.94 -8.47
C ARG A 571 -15.20 11.46 -8.41
N GLN A 572 -16.03 11.96 -7.51
CA GLN A 572 -16.23 13.40 -7.47
C GLN A 572 -14.91 14.11 -7.09
N PHE A 573 -14.12 13.48 -6.21
CA PHE A 573 -12.84 14.04 -5.80
C PHE A 573 -11.75 13.88 -6.88
N HIS A 574 -11.62 12.68 -7.47
CA HIS A 574 -10.52 12.44 -8.41
C HIS A 574 -10.81 12.35 -9.90
N GLN A 575 -12.05 12.18 -10.35
CA GLN A 575 -12.27 11.91 -11.76
C GLN A 575 -11.79 12.97 -12.72
N LYS A 576 -11.89 14.25 -12.39
CA LYS A 576 -11.41 15.23 -13.37
C LYS A 576 -9.93 14.97 -13.70
N LEU A 577 -9.12 14.67 -12.68
CA LEU A 577 -7.71 14.38 -12.89
C LEU A 577 -7.50 13.08 -13.61
N LEU A 578 -8.28 12.07 -13.25
CA LEU A 578 -8.05 10.76 -13.83
C LEU A 578 -8.38 10.82 -15.32
N LYS A 579 -9.43 11.59 -15.68
CA LYS A 579 -9.83 11.76 -17.07
C LYS A 579 -8.85 12.64 -17.81
N SER A 580 -8.26 13.62 -17.11
CA SER A 580 -7.25 14.47 -17.72
C SER A 580 -6.02 13.63 -18.04
N ILE A 581 -5.59 12.78 -17.12
CA ILE A 581 -4.41 11.96 -17.38
C ILE A 581 -4.67 11.05 -18.54
N ALA A 582 -5.84 10.42 -18.53
CA ALA A 582 -6.24 9.48 -19.56
C ALA A 582 -6.41 10.08 -20.94
N ALA A 583 -6.52 11.41 -21.04
CA ALA A 583 -6.75 12.07 -22.30
C ALA A 583 -5.50 12.79 -22.78
N THR A 584 -4.39 12.64 -22.06
CA THR A 584 -3.18 13.36 -22.40
C THR A 584 -2.13 12.46 -23.02
N ARG A 585 -1.62 12.87 -24.19
CA ARG A 585 -0.60 12.12 -24.87
C ARG A 585 0.71 12.89 -24.90
N GLY A 586 1.83 12.19 -24.78
CA GLY A 586 3.16 12.81 -24.80
C GLY A 586 3.71 13.02 -23.39
N ALA A 587 2.84 12.76 -22.42
CA ALA A 587 3.12 12.87 -21.01
C ALA A 587 3.87 11.66 -20.50
N THR A 588 4.60 11.82 -19.39
CA THR A 588 5.31 10.73 -18.75
C THR A 588 4.38 9.62 -18.29
N VAL A 589 3.26 9.98 -17.68
CA VAL A 589 2.31 8.96 -17.28
C VAL A 589 1.26 8.82 -18.34
N VAL A 590 1.26 7.64 -18.94
CA VAL A 590 0.43 7.29 -20.05
C VAL A 590 -0.54 6.18 -19.69
N ILE A 591 -1.76 6.59 -19.47
CA ILE A 591 -2.84 5.71 -19.09
C ILE A 591 -3.94 5.96 -20.09
N GLY A 592 -4.54 4.92 -20.66
CA GLY A 592 -5.63 5.18 -21.59
C GLY A 592 -5.22 5.61 -23.00
N THR A 593 -3.97 5.34 -23.40
CA THR A 593 -3.53 5.71 -24.73
C THR A 593 -3.43 4.47 -25.57
N SER A 594 -4.15 4.47 -26.68
CA SER A 594 -4.19 3.33 -27.56
C SER A 594 -2.88 3.12 -28.29
N LYS A 595 -2.55 1.85 -28.49
CA LYS A 595 -1.38 1.40 -29.23
C LYS A 595 -1.60 1.46 -30.75
N PHE A 596 -2.88 1.52 -31.11
CA PHE A 596 -3.30 1.51 -32.49
C PHE A 596 -3.16 2.84 -33.23
N TYR A 597 -3.07 2.71 -34.55
CA TYR A 597 -2.97 3.81 -35.48
C TYR A 597 -1.71 4.63 -35.26
N GLY A 598 -0.62 3.93 -34.94
CA GLY A 598 0.66 4.57 -34.71
C GLY A 598 0.91 4.89 -33.25
N GLY A 599 -0.08 4.66 -32.39
CA GLY A 599 0.11 4.98 -30.99
C GLY A 599 1.29 4.29 -30.33
N TRP A 600 1.57 3.02 -30.65
CA TRP A 600 2.70 2.35 -30.02
C TRP A 600 3.99 3.05 -30.42
N HIS A 601 4.09 3.35 -31.70
CA HIS A 601 5.22 4.02 -32.31
C HIS A 601 5.44 5.39 -31.69
N ASN A 602 4.37 6.16 -31.56
CA ASN A 602 4.48 7.50 -31.03
C ASN A 602 4.90 7.48 -29.56
N MET A 603 4.40 6.51 -28.80
CA MET A 603 4.76 6.37 -27.39
C MET A 603 6.25 6.02 -27.26
N LEU A 604 6.76 5.18 -28.15
CA LEU A 604 8.18 4.85 -28.12
C LEU A 604 9.04 6.03 -28.53
N LYS A 605 8.61 6.79 -29.53
CA LYS A 605 9.43 7.92 -29.92
C LYS A 605 9.44 8.95 -28.79
N THR A 606 8.32 9.08 -28.08
CA THR A 606 8.20 10.00 -26.97
C THR A 606 9.18 9.66 -25.87
N VAL A 607 9.32 8.37 -25.51
CA VAL A 607 10.29 8.05 -24.47
C VAL A 607 11.72 8.15 -24.98
N TYR A 608 11.97 7.78 -26.24
CA TYR A 608 13.33 7.82 -26.74
C TYR A 608 13.86 9.24 -26.73
N SER A 609 13.00 10.18 -27.13
CA SER A 609 13.28 11.59 -27.16
C SER A 609 14.61 11.89 -27.80
N ASP A 610 15.39 12.72 -27.13
CA ASP A 610 16.72 13.12 -27.54
C ASP A 610 17.82 12.59 -26.63
N VAL A 611 17.64 11.42 -26.03
CA VAL A 611 18.68 10.90 -25.14
C VAL A 611 19.97 10.72 -25.96
N GLU A 612 21.08 11.25 -25.44
CA GLU A 612 22.37 11.25 -26.16
C GLU A 612 22.95 9.87 -26.48
N THR A 613 22.85 8.95 -25.54
CA THR A 613 23.38 7.59 -25.69
C THR A 613 22.35 6.62 -25.13
N PRO A 614 21.24 6.41 -25.82
CA PRO A 614 20.09 5.70 -25.31
C PRO A 614 20.27 4.21 -25.16
N HIS A 615 19.73 3.72 -24.07
CA HIS A 615 19.57 2.31 -23.72
C HIS A 615 18.19 2.16 -23.14
N LEU A 616 17.56 1.00 -23.31
CA LEU A 616 16.24 0.83 -22.73
C LEU A 616 16.26 -0.08 -21.53
N MET A 617 15.55 0.32 -20.48
CA MET A 617 15.45 -0.46 -19.26
C MET A 617 14.02 -0.66 -18.78
N GLY A 618 13.79 -1.79 -18.12
CA GLY A 618 12.50 -2.03 -17.49
C GLY A 618 12.61 -3.06 -16.38
N TRP A 619 11.58 -3.15 -15.56
CA TRP A 619 11.62 -4.02 -14.40
C TRP A 619 10.24 -4.39 -13.87
N ASP A 620 10.16 -5.44 -13.05
CA ASP A 620 8.89 -5.77 -12.41
C ASP A 620 8.84 -5.16 -11.02
N TYR A 621 7.73 -5.35 -10.34
CA TYR A 621 7.56 -4.91 -8.97
C TYR A 621 6.85 -6.00 -8.15
N PRO A 622 7.62 -6.91 -7.51
CA PRO A 622 7.10 -8.04 -6.78
C PRO A 622 6.13 -7.55 -5.74
N LYS A 623 5.00 -8.24 -5.65
CA LYS A 623 3.96 -7.91 -4.69
C LYS A 623 3.54 -6.45 -4.78
N CYS A 624 3.45 -5.89 -6.00
CA CYS A 624 3.10 -4.49 -6.10
C CYS A 624 1.73 -4.13 -5.57
N ASP A 625 0.81 -5.08 -5.62
CA ASP A 625 -0.52 -4.82 -5.15
C ASP A 625 -0.77 -5.32 -3.73
N ARG A 626 0.28 -5.79 -3.07
CA ARG A 626 0.10 -6.35 -1.74
C ARG A 626 1.03 -5.71 -0.73
N ALA A 627 2.31 -5.58 -1.06
CA ALA A 627 3.33 -5.12 -0.14
C ALA A 627 3.56 -3.61 -0.20
N MET A 628 2.83 -2.91 -1.07
CA MET A 628 3.09 -1.48 -1.18
C MET A 628 2.76 -0.81 0.18
N PRO A 629 3.69 -0.09 0.82
CA PRO A 629 3.55 0.59 2.10
C PRO A 629 2.47 1.63 2.11
N ASN A 630 1.83 1.79 3.27
CA ASN A 630 0.78 2.77 3.41
C ASN A 630 1.34 4.18 3.25
N MET A 631 2.63 4.39 3.58
CA MET A 631 3.25 5.70 3.40
C MET A 631 3.36 6.12 1.95
N LEU A 632 3.51 5.17 1.04
CA LEU A 632 3.69 5.55 -0.33
C LEU A 632 2.31 5.63 -0.96
N ARG A 633 1.35 4.90 -0.37
CA ARG A 633 -0.03 4.99 -0.80
C ARG A 633 -0.56 6.37 -0.41
N ILE A 634 -0.20 6.86 0.81
CA ILE A 634 -0.56 8.19 1.28
C ILE A 634 0.12 9.23 0.41
N MET A 635 1.40 9.06 0.12
CA MET A 635 2.07 10.00 -0.75
C MET A 635 1.33 10.10 -2.07
N ALA A 636 0.98 8.96 -2.68
CA ALA A 636 0.30 8.99 -3.95
C ALA A 636 -1.07 9.64 -3.88
N SER A 637 -1.83 9.41 -2.82
CA SER A 637 -3.15 10.03 -2.75
C SER A 637 -3.00 11.52 -2.52
N LEU A 638 -1.94 11.94 -1.82
CA LEU A 638 -1.69 13.35 -1.62
C LEU A 638 -1.31 14.01 -2.93
N VAL A 639 -0.53 13.30 -3.77
CA VAL A 639 -0.16 13.89 -5.06
C VAL A 639 -1.39 14.07 -5.92
N LEU A 640 -2.26 13.07 -5.98
CA LEU A 640 -3.45 13.20 -6.80
C LEU A 640 -4.37 14.32 -6.25
N ALA A 641 -4.33 14.55 -4.95
CA ALA A 641 -5.11 15.58 -4.27
C ALA A 641 -4.49 17.00 -4.36
N ARG A 642 -3.31 17.15 -4.96
CA ARG A 642 -2.66 18.47 -5.02
C ARG A 642 -3.23 19.38 -6.08
N LYS A 643 -4.26 18.91 -6.77
CA LYS A 643 -4.97 19.71 -7.76
C LYS A 643 -6.09 20.50 -7.06
N HIS A 644 -6.50 20.07 -5.87
CA HIS A 644 -7.60 20.72 -5.19
C HIS A 644 -7.17 21.95 -4.41
N ASN A 645 -6.83 23.00 -5.14
CA ASN A 645 -6.34 24.22 -4.50
C ASN A 645 -7.33 25.39 -4.52
N THR A 646 -8.32 25.31 -5.41
CA THR A 646 -9.30 26.37 -5.58
C THR A 646 -10.68 25.84 -5.26
N CYS A 647 -10.74 24.74 -4.53
CA CYS A 647 -12.04 24.14 -4.19
C CYS A 647 -12.10 23.42 -2.85
N CYS A 648 -10.95 23.24 -2.21
CA CYS A 648 -10.90 22.55 -0.93
C CYS A 648 -9.95 23.21 0.06
N ASN A 649 -10.39 23.32 1.32
CA ASN A 649 -9.56 23.92 2.35
C ASN A 649 -8.70 22.81 2.96
N LEU A 650 -7.90 23.15 3.95
CA LEU A 650 -7.00 22.18 4.57
C LEU A 650 -7.71 21.04 5.29
N SER A 651 -8.74 21.37 6.07
CA SER A 651 -9.44 20.34 6.83
C SER A 651 -10.13 19.37 5.91
N HIS A 652 -10.69 19.88 4.82
CA HIS A 652 -11.39 19.02 3.89
C HIS A 652 -10.41 18.09 3.19
N ARG A 653 -9.21 18.58 2.83
CA ARG A 653 -8.27 17.70 2.16
C ARG A 653 -7.88 16.58 3.11
N PHE A 654 -7.67 16.91 4.40
CA PHE A 654 -7.32 15.90 5.37
C PHE A 654 -8.41 14.84 5.52
N TYR A 655 -9.67 15.25 5.65
CA TYR A 655 -10.72 14.24 5.79
C TYR A 655 -10.80 13.39 4.54
N ARG A 656 -10.63 13.97 3.36
CA ARG A 656 -10.65 13.14 2.18
C ARG A 656 -9.52 12.12 2.24
N LEU A 657 -8.33 12.51 2.72
CA LEU A 657 -7.23 11.55 2.87
C LEU A 657 -7.63 10.46 3.86
N ALA A 658 -8.21 10.86 5.00
CA ALA A 658 -8.60 9.91 6.02
C ALA A 658 -9.61 8.91 5.47
N ASN A 659 -10.50 9.41 4.61
CA ASN A 659 -11.50 8.58 3.97
C ASN A 659 -10.88 7.61 2.97
N GLU A 660 -9.90 8.06 2.19
CA GLU A 660 -9.28 7.18 1.22
C GLU A 660 -8.49 6.12 2.00
N CYS A 661 -7.84 6.51 3.09
CA CYS A 661 -7.09 5.54 3.87
C CYS A 661 -8.02 4.50 4.54
N ALA A 662 -9.11 4.97 5.14
CA ALA A 662 -10.07 4.08 5.80
C ALA A 662 -10.75 3.16 4.81
N GLN A 663 -10.96 3.64 3.58
CA GLN A 663 -11.65 2.87 2.54
C GLN A 663 -10.77 1.91 1.73
N VAL A 664 -9.49 2.25 1.46
CA VAL A 664 -8.66 1.29 0.72
C VAL A 664 -7.33 0.82 1.37
N LEU A 665 -6.87 1.40 2.50
CA LEU A 665 -5.61 0.90 3.05
C LEU A 665 -5.85 0.05 4.29
N SER A 666 -6.82 0.44 5.10
CA SER A 666 -7.11 -0.28 6.34
C SER A 666 -8.62 -0.48 6.54
N GLU A 667 -9.30 -0.87 5.45
CA GLU A 667 -10.72 -1.09 5.49
C GLU A 667 -11.07 -2.47 5.97
N MET A 668 -12.37 -2.75 6.06
CA MET A 668 -12.76 -4.09 6.42
C MET A 668 -13.02 -4.84 5.15
N VAL A 669 -12.54 -6.06 5.08
CA VAL A 669 -12.80 -6.88 3.91
C VAL A 669 -13.51 -8.14 4.30
N MET A 670 -14.59 -8.42 3.62
CA MET A 670 -15.30 -9.61 3.92
C MET A 670 -14.71 -10.74 3.11
N CYS A 671 -14.47 -11.84 3.78
CA CYS A 671 -13.93 -13.02 3.13
C CYS A 671 -14.86 -14.14 3.56
N GLY A 672 -15.38 -14.91 2.62
CA GLY A 672 -16.33 -15.92 3.06
C GLY A 672 -17.48 -15.16 3.74
N GLY A 673 -17.80 -15.55 4.98
CA GLY A 673 -18.85 -14.93 5.77
C GLY A 673 -18.32 -14.07 6.93
N SER A 674 -17.01 -13.77 6.95
CA SER A 674 -16.38 -13.04 8.06
C SER A 674 -15.65 -11.75 7.69
N LEU A 675 -15.50 -10.84 8.67
CA LEU A 675 -14.79 -9.56 8.47
C LEU A 675 -13.37 -9.54 9.05
N TYR A 676 -12.42 -9.23 8.15
CA TYR A 676 -10.98 -9.15 8.42
C TYR A 676 -10.43 -7.75 8.19
N VAL A 677 -9.33 -7.41 8.86
CA VAL A 677 -8.72 -6.09 8.67
C VAL A 677 -7.59 -6.12 7.66
N LYS A 678 -7.65 -5.27 6.65
CA LYS A 678 -6.60 -5.21 5.65
C LYS A 678 -5.37 -4.44 6.20
N PRO A 679 -4.12 -4.98 6.17
CA PRO A 679 -2.95 -4.27 6.65
C PRO A 679 -2.42 -3.12 5.76
N GLY A 680 -2.76 -3.15 4.46
CA GLY A 680 -2.26 -2.16 3.51
C GLY A 680 -2.22 -2.76 2.10
N GLY A 681 -1.56 -2.08 1.16
CA GLY A 681 -1.49 -2.53 -0.23
C GLY A 681 -2.52 -1.81 -1.09
N THR A 682 -2.84 -2.34 -2.26
CA THR A 682 -3.73 -1.66 -3.20
C THR A 682 -5.07 -2.38 -3.30
N SER A 683 -6.02 -1.75 -3.99
CA SER A 683 -7.35 -2.31 -4.22
C SER A 683 -7.77 -2.15 -5.67
N SER A 684 -7.98 -3.27 -6.34
CA SER A 684 -8.31 -3.31 -7.76
C SER A 684 -9.68 -2.74 -8.08
N GLY A 685 -10.51 -2.60 -7.06
CA GLY A 685 -11.85 -2.08 -7.25
C GLY A 685 -11.94 -0.56 -7.13
N ASP A 686 -10.81 0.12 -6.83
CA ASP A 686 -10.88 1.58 -6.66
C ASP A 686 -10.68 2.34 -7.97
N ALA A 687 -11.15 3.59 -7.97
CA ALA A 687 -11.04 4.54 -9.09
C ALA A 687 -9.62 4.97 -9.41
N THR A 688 -8.76 5.09 -8.40
CA THR A 688 -7.42 5.62 -8.58
C THR A 688 -6.27 4.65 -8.61
N THR A 689 -6.47 3.35 -8.44
CA THR A 689 -5.31 2.46 -8.37
C THR A 689 -4.38 2.57 -9.57
N ALA A 690 -4.93 2.64 -10.77
CA ALA A 690 -4.11 2.70 -11.97
C ALA A 690 -3.28 3.97 -12.06
N TYR A 691 -3.67 5.00 -11.34
CA TYR A 691 -3.01 6.27 -11.41
C TYR A 691 -2.08 6.43 -10.21
N ALA A 692 -2.52 5.98 -9.05
CA ALA A 692 -1.73 6.05 -7.81
C ALA A 692 -0.47 5.23 -7.98
N ASN A 693 -0.57 4.14 -8.74
CA ASN A 693 0.54 3.27 -9.02
C ASN A 693 1.58 3.96 -9.90
N SER A 694 1.17 4.96 -10.69
CA SER A 694 2.10 5.65 -11.55
C SER A 694 2.78 6.74 -10.76
N VAL A 695 2.09 7.26 -9.73
CA VAL A 695 2.69 8.28 -8.91
C VAL A 695 3.82 7.56 -8.20
N PHE A 696 3.50 6.36 -7.70
CA PHE A 696 4.44 5.49 -7.04
C PHE A 696 5.62 5.15 -7.94
N ASN A 697 5.34 4.70 -9.17
CA ASN A 697 6.44 4.30 -10.07
C ASN A 697 7.42 5.45 -10.25
N ILE A 698 6.91 6.68 -10.37
CA ILE A 698 7.78 7.82 -10.51
C ILE A 698 8.56 8.01 -9.23
N CYS A 699 7.89 7.97 -8.08
CA CYS A 699 8.58 8.16 -6.82
C CYS A 699 9.74 7.21 -6.66
N GLN A 700 9.54 5.93 -6.97
CA GLN A 700 10.62 4.98 -6.79
C GLN A 700 11.75 5.27 -7.78
N ALA A 701 11.43 5.66 -9.01
CA ALA A 701 12.45 6.00 -9.98
C ALA A 701 13.21 7.26 -9.62
N VAL A 702 12.52 8.25 -9.09
CA VAL A 702 13.20 9.46 -8.71
C VAL A 702 14.10 9.10 -7.55
N THR A 703 13.61 8.32 -6.59
CA THR A 703 14.39 7.91 -5.45
C THR A 703 15.66 7.21 -5.91
N ALA A 704 15.54 6.32 -6.90
CA ALA A 704 16.68 5.61 -7.45
C ALA A 704 17.70 6.58 -8.05
N ASN A 705 17.24 7.66 -8.70
CA ASN A 705 18.15 8.63 -9.31
C ASN A 705 18.76 9.57 -8.29
N VAL A 706 17.99 9.90 -7.25
CA VAL A 706 18.48 10.76 -6.20
C VAL A 706 19.58 9.99 -5.49
N ASN A 707 19.34 8.70 -5.24
CA ASN A 707 20.34 7.86 -4.60
C ASN A 707 21.50 7.54 -5.53
N ALA A 708 21.25 7.35 -6.82
CA ALA A 708 22.36 7.03 -7.70
C ALA A 708 23.35 8.17 -7.70
N LEU A 709 22.87 9.41 -7.72
CA LEU A 709 23.78 10.53 -7.74
C LEU A 709 24.32 10.84 -6.35
N LEU A 710 23.49 10.87 -5.31
CA LEU A 710 24.03 11.24 -4.01
C LEU A 710 25.01 10.23 -3.46
N SER A 711 24.85 8.97 -3.80
CA SER A 711 25.73 7.92 -3.30
C SER A 711 27.08 7.86 -3.99
N THR A 712 27.31 8.58 -5.10
CA THR A 712 28.61 8.44 -5.74
C THR A 712 29.63 9.41 -5.21
N ASP A 713 30.85 9.28 -5.69
CA ASP A 713 31.89 10.16 -5.22
C ASP A 713 31.84 11.46 -6.00
N GLY A 714 31.47 12.53 -5.32
CA GLY A 714 31.28 13.82 -5.96
C GLY A 714 32.60 14.41 -6.44
N ASN A 715 33.71 13.87 -5.96
CA ASN A 715 35.02 14.36 -6.35
C ASN A 715 35.60 13.58 -7.51
N LYS A 716 34.83 12.64 -8.07
CA LYS A 716 35.25 11.86 -9.22
C LYS A 716 34.45 12.26 -10.44
N ILE A 717 33.70 13.34 -10.34
CA ILE A 717 32.87 13.76 -11.45
C ILE A 717 33.59 14.82 -12.24
N ALA A 718 33.91 14.47 -13.49
CA ALA A 718 34.62 15.35 -14.41
C ALA A 718 33.78 16.54 -14.86
N ASP A 719 32.47 16.32 -14.96
CA ASP A 719 31.56 17.35 -15.41
C ASP A 719 31.18 18.28 -14.27
N LYS A 720 31.61 19.53 -14.38
CA LYS A 720 31.37 20.50 -13.33
C LYS A 720 29.88 20.68 -13.10
N TYR A 721 29.06 20.57 -14.15
CA TYR A 721 27.64 20.77 -13.97
C TYR A 721 27.03 19.75 -13.02
N VAL A 722 27.30 18.48 -13.27
CA VAL A 722 26.72 17.44 -12.44
C VAL A 722 27.37 17.50 -11.06
N ARG A 723 28.67 17.76 -11.01
CA ARG A 723 29.34 17.84 -9.73
C ARG A 723 28.58 18.84 -8.82
N ASN A 724 28.21 20.00 -9.38
CA ASN A 724 27.45 20.99 -8.63
C ASN A 724 26.02 20.52 -8.36
N LEU A 725 25.44 19.73 -9.27
CA LEU A 725 24.08 19.23 -9.08
C LEU A 725 24.04 18.28 -7.88
N GLN A 726 25.05 17.41 -7.75
CA GLN A 726 25.10 16.47 -6.62
C GLN A 726 25.21 17.20 -5.30
N HIS A 727 26.04 18.24 -5.29
CA HIS A 727 26.23 19.02 -4.07
C HIS A 727 24.93 19.68 -3.65
N ARG A 728 24.30 20.35 -4.61
CA ARG A 728 23.07 21.06 -4.31
C ARG A 728 21.92 20.12 -4.03
N LEU A 729 21.95 18.92 -4.62
CA LEU A 729 20.89 17.97 -4.33
C LEU A 729 20.96 17.58 -2.88
N TYR A 730 22.15 17.28 -2.37
CA TYR A 730 22.26 16.88 -0.97
C TYR A 730 21.67 17.95 -0.07
N GLU A 731 22.02 19.20 -0.37
CA GLU A 731 21.61 20.36 0.40
C GLU A 731 20.16 20.79 0.15
N CYS A 732 19.45 20.06 -0.71
CA CYS A 732 18.03 20.32 -0.90
C CYS A 732 17.21 19.24 -0.22
N LEU A 733 17.89 18.27 0.42
CA LEU A 733 17.22 17.21 1.14
C LEU A 733 17.41 17.36 2.64
N TYR A 734 18.67 17.49 3.06
CA TYR A 734 19.00 17.45 4.48
C TYR A 734 19.33 18.81 5.08
N ARG A 735 19.11 19.85 4.28
CA ARG A 735 19.36 21.24 4.58
C ARG A 735 18.30 21.99 3.84
N ASN A 736 18.06 23.26 4.16
CA ASN A 736 17.11 24.02 3.35
C ASN A 736 15.77 23.32 3.25
N ARG A 737 15.10 23.16 4.40
CA ARG A 737 13.82 22.46 4.46
C ARG A 737 12.76 23.07 3.56
N ASP A 738 12.78 24.40 3.41
CA ASP A 738 11.83 25.10 2.57
C ASP A 738 12.03 24.60 1.16
N VAL A 739 10.96 24.43 0.40
CA VAL A 739 11.20 23.91 -0.94
C VAL A 739 11.85 24.92 -1.85
N ASP A 740 12.95 24.49 -2.46
CA ASP A 740 13.69 25.27 -3.43
C ASP A 740 13.13 24.91 -4.79
N HIS A 741 12.16 25.69 -5.27
CA HIS A 741 11.48 25.30 -6.48
C HIS A 741 12.36 25.42 -7.70
N GLU A 742 13.37 26.30 -7.66
CA GLU A 742 14.21 26.42 -8.83
C GLU A 742 15.09 25.19 -8.93
N PHE A 743 15.58 24.71 -7.78
CA PHE A 743 16.40 23.51 -7.79
C PHE A 743 15.58 22.33 -8.26
N VAL A 744 14.35 22.20 -7.76
CA VAL A 744 13.53 21.08 -8.17
C VAL A 744 13.27 21.15 -9.67
N ASP A 745 12.97 22.34 -10.24
CA ASP A 745 12.76 22.40 -11.68
C ASP A 745 14.01 21.94 -12.44
N GLU A 746 15.19 22.34 -11.96
CA GLU A 746 16.43 21.94 -12.61
C GLU A 746 16.69 20.44 -12.51
N PHE A 747 16.48 19.87 -11.32
CA PHE A 747 16.70 18.46 -11.11
C PHE A 747 15.73 17.68 -11.98
N TYR A 748 14.47 18.13 -12.00
CA TYR A 748 13.48 17.51 -12.83
C TYR A 748 13.92 17.52 -14.29
N ALA A 749 14.39 18.67 -14.80
CA ALA A 749 14.84 18.75 -16.17
C ALA A 749 16.02 17.81 -16.43
N TYR A 750 16.92 17.67 -15.46
CA TYR A 750 18.06 16.76 -15.57
C TYR A 750 17.57 15.34 -15.77
N LEU A 751 16.61 14.92 -14.94
CA LEU A 751 16.09 13.58 -15.08
C LEU A 751 15.36 13.45 -16.40
N ARG A 752 14.60 14.47 -16.79
CA ARG A 752 13.87 14.40 -18.03
C ARG A 752 14.78 14.16 -19.23
N LYS A 753 15.95 14.81 -19.23
CA LYS A 753 16.93 14.68 -20.30
C LYS A 753 17.71 13.35 -20.30
N HIS A 754 18.13 12.87 -19.12
CA HIS A 754 18.97 11.67 -19.12
C HIS A 754 18.30 10.36 -18.65
N PHE A 755 17.11 10.46 -18.05
CA PHE A 755 16.37 9.31 -17.56
C PHE A 755 14.90 9.52 -18.00
N SER A 756 14.59 9.15 -19.23
CA SER A 756 13.29 9.42 -19.81
C SER A 756 12.31 8.29 -19.52
N MET A 757 11.22 8.60 -18.85
CA MET A 757 10.31 7.53 -18.49
C MET A 757 9.00 7.53 -19.24
N MET A 758 8.53 6.32 -19.52
CA MET A 758 7.21 6.03 -20.04
C MET A 758 6.50 5.13 -19.03
N ILE A 759 5.50 5.68 -18.34
CA ILE A 759 4.87 4.95 -17.25
C ILE A 759 3.40 4.63 -17.38
N LEU A 760 3.10 3.36 -17.17
CA LEU A 760 1.78 2.78 -17.10
C LEU A 760 1.68 2.16 -15.70
N SER A 761 0.49 2.08 -15.12
CA SER A 761 0.31 1.47 -13.80
C SER A 761 1.23 0.25 -13.59
N ASP A 762 2.23 0.41 -12.70
CA ASP A 762 3.22 -0.63 -12.34
C ASP A 762 3.88 -1.25 -13.56
N ASP A 763 4.17 -0.44 -14.57
CA ASP A 763 4.77 -0.92 -15.80
C ASP A 763 5.59 0.19 -16.47
N ALA A 764 6.92 0.10 -16.48
CA ALA A 764 7.63 1.26 -17.03
C ALA A 764 8.82 0.90 -17.89
N VAL A 765 9.03 1.77 -18.85
CA VAL A 765 10.15 1.76 -19.78
C VAL A 765 10.98 3.01 -19.61
N VAL A 766 12.26 2.82 -19.47
CA VAL A 766 13.15 3.94 -19.33
C VAL A 766 14.19 4.04 -20.41
N CYS A 767 14.26 5.18 -21.05
CA CYS A 767 15.30 5.40 -22.04
C CYS A 767 16.34 6.27 -21.36
N TYR A 768 17.51 5.73 -21.15
CA TYR A 768 18.47 6.48 -20.36
C TYR A 768 19.79 6.65 -21.04
N ASN A 769 20.51 7.67 -20.61
CA ASN A 769 21.80 8.01 -21.14
C ASN A 769 22.89 7.25 -20.39
N SER A 770 23.40 6.21 -21.03
CA SER A 770 24.35 5.32 -20.38
C SER A 770 25.68 5.95 -20.11
N ASN A 771 25.96 7.09 -20.73
CA ASN A 771 27.25 7.72 -20.50
C ASN A 771 27.33 8.30 -19.10
N TYR A 772 26.17 8.55 -18.51
CA TYR A 772 26.06 9.12 -17.18
C TYR A 772 25.75 8.00 -16.21
N ALA A 773 24.92 7.04 -16.63
CA ALA A 773 24.61 5.93 -15.72
C ALA A 773 25.90 5.20 -15.36
N ALA A 774 26.82 5.12 -16.32
CA ALA A 774 28.11 4.48 -16.17
C ALA A 774 28.98 5.12 -15.08
N GLN A 775 28.73 6.40 -14.80
CA GLN A 775 29.47 7.18 -13.83
C GLN A 775 28.71 7.26 -12.50
N GLY A 776 27.52 6.63 -12.44
CA GLY A 776 26.65 6.70 -11.28
C GLY A 776 25.90 8.03 -11.19
N LEU A 777 25.70 8.71 -12.31
CA LEU A 777 25.03 10.00 -12.25
C LEU A 777 23.55 9.90 -12.62
N VAL A 778 23.17 8.71 -13.07
CA VAL A 778 21.84 8.31 -13.52
C VAL A 778 21.54 6.94 -12.96
N ALA A 779 20.30 6.70 -12.54
CA ALA A 779 19.93 5.41 -12.01
C ALA A 779 19.98 4.31 -13.05
N SER A 780 20.35 3.14 -12.59
CA SER A 780 20.33 1.94 -13.39
C SER A 780 19.54 0.86 -12.68
N ILE A 781 19.56 -0.34 -13.23
CA ILE A 781 18.73 -1.38 -12.65
C ILE A 781 19.13 -1.71 -11.22
N LYS A 782 20.41 -1.57 -10.91
CA LYS A 782 20.91 -1.84 -9.57
C LYS A 782 20.37 -0.86 -8.54
N ASN A 783 19.94 0.32 -8.99
CA ASN A 783 19.46 1.33 -8.07
C ASN A 783 18.02 1.01 -7.79
N PHE A 784 17.34 0.44 -8.77
CA PHE A 784 15.95 0.04 -8.58
C PHE A 784 15.89 -1.15 -7.66
N LYS A 785 16.85 -2.07 -7.81
CA LYS A 785 16.85 -3.22 -6.94
C LYS A 785 17.09 -2.80 -5.49
N ALA A 786 18.07 -1.90 -5.26
CA ALA A 786 18.33 -1.48 -3.89
C ALA A 786 17.15 -0.69 -3.32
N VAL A 787 16.53 0.15 -4.13
CA VAL A 787 15.42 0.95 -3.66
C VAL A 787 14.23 0.10 -3.32
N LEU A 788 13.85 -0.87 -4.15
CA LEU A 788 12.69 -1.67 -3.79
C LEU A 788 12.98 -2.50 -2.53
N TYR A 789 14.23 -2.94 -2.38
CA TYR A 789 14.64 -3.74 -1.24
C TYR A 789 14.30 -3.04 0.07
N TYR A 790 14.59 -1.72 0.19
CA TYR A 790 14.24 -1.05 1.44
C TYR A 790 12.92 -0.25 1.41
N GLN A 791 12.44 0.16 0.23
CA GLN A 791 11.20 0.95 0.14
C GLN A 791 9.94 0.13 0.22
N ASN A 792 9.92 -1.07 -0.36
CA ASN A 792 8.69 -1.86 -0.36
C ASN A 792 8.90 -3.20 0.29
N ASN A 793 10.08 -3.37 0.86
CA ASN A 793 10.51 -4.60 1.50
C ASN A 793 10.40 -5.81 0.58
N VAL A 794 10.78 -5.65 -0.70
CA VAL A 794 10.75 -6.80 -1.60
C VAL A 794 12.06 -6.91 -2.34
N PHE A 795 12.47 -8.12 -2.66
CA PHE A 795 13.66 -8.28 -3.47
C PHE A 795 13.25 -8.46 -4.92
N MET A 796 13.90 -7.71 -5.81
CA MET A 796 13.60 -7.83 -7.21
C MET A 796 14.63 -8.65 -7.97
N SER A 797 14.17 -9.79 -8.46
CA SER A 797 14.97 -10.75 -9.20
C SER A 797 15.37 -10.25 -10.58
N GLU A 798 16.58 -10.62 -11.01
CA GLU A 798 17.08 -10.27 -12.33
C GLU A 798 16.30 -11.02 -13.39
N ALA A 799 15.59 -12.06 -12.97
CA ALA A 799 14.81 -12.90 -13.86
C ALA A 799 13.75 -12.11 -14.61
N LYS A 800 13.23 -11.05 -14.01
CA LYS A 800 12.19 -10.26 -14.66
C LYS A 800 12.69 -8.87 -15.05
N CYS A 801 14.00 -8.65 -14.97
CA CYS A 801 14.55 -7.34 -15.28
C CYS A 801 15.21 -7.35 -16.63
N TRP A 802 15.24 -6.23 -17.31
CA TRP A 802 15.94 -6.22 -18.57
C TRP A 802 16.59 -4.91 -18.94
N THR A 803 17.63 -5.03 -19.77
CA THR A 803 18.30 -3.91 -20.40
C THR A 803 18.46 -4.26 -21.88
N GLU A 804 18.14 -3.32 -22.75
CA GLU A 804 18.31 -3.49 -24.19
C GLU A 804 19.20 -2.39 -24.74
N THR A 805 20.27 -2.79 -25.42
CA THR A 805 21.22 -1.83 -25.92
C THR A 805 20.94 -1.34 -27.34
N ASP A 806 20.13 -2.05 -28.11
CA ASP A 806 19.88 -1.65 -29.48
C ASP A 806 18.44 -1.22 -29.70
N LEU A 807 18.22 0.10 -29.86
CA LEU A 807 16.87 0.67 -29.97
C LEU A 807 16.16 0.33 -31.28
N THR A 808 16.83 -0.44 -32.15
CA THR A 808 16.20 -0.99 -33.34
C THR A 808 15.05 -1.86 -32.85
N LYS A 809 15.27 -2.58 -31.76
CA LYS A 809 14.25 -3.41 -31.19
C LYS A 809 13.65 -2.57 -30.08
N GLY A 810 12.40 -2.79 -29.72
CA GLY A 810 11.85 -1.97 -28.67
C GLY A 810 12.04 -2.66 -27.33
N PRO A 811 11.31 -2.24 -26.31
CA PRO A 811 11.36 -2.76 -24.97
C PRO A 811 11.06 -4.24 -25.03
N HIS A 812 11.66 -5.03 -24.15
CA HIS A 812 11.43 -6.46 -24.21
C HIS A 812 9.98 -6.79 -23.91
N GLU A 813 9.38 -6.06 -22.98
CA GLU A 813 7.97 -6.25 -22.70
C GLU A 813 7.41 -5.00 -22.03
N PHE A 814 6.35 -4.46 -22.59
CA PHE A 814 5.65 -3.29 -22.03
C PHE A 814 4.20 -3.46 -22.35
N CYS A 815 3.31 -3.29 -21.37
CA CYS A 815 1.89 -3.51 -21.56
C CYS A 815 1.70 -4.95 -21.99
N SER A 816 2.54 -5.83 -21.44
CA SER A 816 2.58 -7.27 -21.71
C SER A 816 2.79 -7.61 -23.19
N GLN A 817 3.45 -6.75 -23.97
CA GLN A 817 3.70 -6.99 -25.39
C GLN A 817 5.15 -6.71 -25.79
N HIS A 818 5.64 -7.48 -26.75
CA HIS A 818 6.98 -7.39 -27.25
C HIS A 818 7.04 -6.36 -28.36
N THR A 819 8.18 -5.71 -28.58
CA THR A 819 8.23 -4.73 -29.67
C THR A 819 9.29 -4.95 -30.74
N MET A 820 8.85 -4.82 -31.99
CA MET A 820 9.72 -4.95 -33.16
C MET A 820 9.57 -3.80 -34.15
N LEU A 821 10.67 -3.45 -34.83
CA LEU A 821 10.66 -2.44 -35.88
C LEU A 821 10.50 -3.10 -37.24
N VAL A 822 9.44 -2.75 -37.95
CA VAL A 822 9.17 -3.35 -39.25
C VAL A 822 8.91 -2.31 -40.32
N LYS A 823 9.05 -2.69 -41.58
CA LYS A 823 8.77 -1.76 -42.64
C LYS A 823 7.26 -1.57 -42.82
N GLN A 824 6.84 -0.33 -42.95
CA GLN A 824 5.45 0.04 -43.22
C GLN A 824 5.35 1.41 -43.89
N GLY A 825 4.77 1.45 -45.10
CA GLY A 825 4.58 2.73 -45.81
C GLY A 825 5.86 3.29 -46.41
N ASP A 826 6.81 2.41 -46.77
CA ASP A 826 8.12 2.79 -47.29
C ASP A 826 8.82 3.70 -46.30
N ASP A 827 8.64 3.33 -45.04
CA ASP A 827 9.13 3.92 -43.83
C ASP A 827 9.15 2.79 -42.84
N TYR A 828 9.57 3.04 -41.62
CA TYR A 828 9.58 1.97 -40.61
C TYR A 828 8.80 2.35 -39.37
N VAL A 829 8.09 1.39 -38.80
CA VAL A 829 7.31 1.64 -37.59
C VAL A 829 7.53 0.61 -36.51
N TYR A 830 7.27 0.98 -35.27
CA TYR A 830 7.33 -0.02 -34.22
C TYR A 830 5.96 -0.62 -33.95
N LEU A 831 5.91 -1.94 -33.91
CA LEU A 831 4.66 -2.62 -33.60
C LEU A 831 4.81 -3.47 -32.35
N PRO A 832 3.76 -3.55 -31.50
CA PRO A 832 3.66 -4.42 -30.36
C PRO A 832 3.25 -5.80 -30.82
N TYR A 833 3.57 -6.82 -30.07
CA TYR A 833 2.90 -8.10 -30.29
C TYR A 833 2.96 -8.93 -29.01
N PRO A 834 1.88 -9.58 -28.57
CA PRO A 834 1.87 -10.50 -27.46
C PRO A 834 2.55 -11.77 -27.85
N ASP A 835 2.98 -12.55 -26.89
CA ASP A 835 3.50 -13.87 -27.15
C ASP A 835 2.46 -14.76 -27.86
N PRO A 836 2.78 -15.42 -29.00
CA PRO A 836 1.95 -16.32 -29.76
C PRO A 836 1.27 -17.44 -28.99
N SER A 837 1.93 -17.98 -27.94
CA SER A 837 1.34 -19.07 -27.19
C SER A 837 0.34 -18.52 -26.22
N ARG A 838 0.62 -17.32 -25.71
CA ARG A 838 -0.31 -16.72 -24.77
C ARG A 838 -1.60 -16.37 -25.52
N ILE A 839 -1.46 -15.94 -26.78
CA ILE A 839 -2.62 -15.57 -27.57
C ILE A 839 -3.47 -16.79 -27.86
N LEU A 840 -2.90 -17.89 -28.31
CA LEU A 840 -3.77 -19.03 -28.59
C LEU A 840 -4.33 -19.64 -27.30
N GLY A 841 -3.57 -19.59 -26.20
CA GLY A 841 -4.09 -20.14 -24.97
C GLY A 841 -5.35 -19.39 -24.57
N ALA A 842 -5.36 -18.07 -24.79
CA ALA A 842 -6.51 -17.24 -24.54
C ALA A 842 -7.64 -17.64 -25.48
N LEU A 856 -22.28 -12.93 -29.23
CA LEU A 856 -21.17 -12.05 -29.58
C LEU A 856 -19.85 -12.65 -29.15
N MET A 857 -19.73 -13.97 -29.19
CA MET A 857 -18.45 -14.58 -28.80
C MET A 857 -17.39 -14.20 -29.83
N ILE A 858 -17.86 -13.93 -31.03
CA ILE A 858 -17.04 -13.54 -32.15
C ILE A 858 -16.32 -12.24 -31.87
N GLU A 859 -16.84 -11.40 -30.98
CA GLU A 859 -16.18 -10.15 -30.69
C GLU A 859 -14.89 -10.41 -29.93
N ARG A 860 -14.88 -11.46 -29.10
CA ARG A 860 -13.68 -11.78 -28.35
C ARG A 860 -12.64 -12.28 -29.31
N PHE A 861 -13.08 -13.08 -30.28
CA PHE A 861 -12.16 -13.65 -31.23
C PHE A 861 -11.63 -12.60 -32.19
N VAL A 862 -12.46 -11.62 -32.55
CA VAL A 862 -11.97 -10.54 -33.38
C VAL A 862 -10.90 -9.77 -32.63
N SER A 863 -11.11 -9.48 -31.34
CA SER A 863 -10.07 -8.78 -30.60
C SER A 863 -8.78 -9.59 -30.52
N LEU A 864 -8.88 -10.92 -30.34
CA LEU A 864 -7.68 -11.74 -30.31
C LEU A 864 -6.96 -11.72 -31.64
N ALA A 865 -7.73 -11.79 -32.74
CA ALA A 865 -7.14 -11.76 -34.07
C ALA A 865 -6.45 -10.43 -34.32
N ILE A 866 -7.03 -9.34 -33.83
CA ILE A 866 -6.39 -8.05 -34.02
C ILE A 866 -5.08 -8.04 -33.23
N ASP A 867 -5.09 -8.49 -31.96
CA ASP A 867 -3.84 -8.47 -31.20
C ASP A 867 -2.77 -9.35 -31.85
N ALA A 868 -3.20 -10.43 -32.49
CA ALA A 868 -2.32 -11.35 -33.19
C ALA A 868 -1.87 -10.81 -34.55
N TYR A 869 -2.48 -9.74 -35.06
CA TYR A 869 -2.17 -9.29 -36.40
C TYR A 869 -0.72 -9.01 -36.68
N PRO A 870 0.01 -8.24 -35.84
CA PRO A 870 1.39 -7.86 -36.04
C PRO A 870 2.29 -9.08 -36.11
N LEU A 871 1.80 -10.25 -35.71
CA LEU A 871 2.64 -11.41 -35.76
C LEU A 871 2.94 -11.76 -37.20
N THR A 872 2.11 -11.31 -38.15
CA THR A 872 2.32 -11.63 -39.55
C THR A 872 3.46 -10.82 -40.15
N LYS A 873 3.94 -9.81 -39.40
CA LYS A 873 5.05 -8.98 -39.84
C LYS A 873 6.36 -9.59 -39.30
N HIS A 874 6.24 -10.55 -38.39
CA HIS A 874 7.36 -11.19 -37.75
C HIS A 874 7.94 -12.18 -38.76
N PRO A 875 9.26 -12.37 -38.88
CA PRO A 875 9.87 -13.35 -39.77
C PRO A 875 9.53 -14.82 -39.46
N ASN A 876 9.08 -15.14 -38.24
CA ASN A 876 8.75 -16.52 -37.91
C ASN A 876 7.32 -16.88 -38.34
N GLN A 877 7.19 -17.81 -39.28
CA GLN A 877 5.88 -18.18 -39.81
C GLN A 877 4.96 -18.71 -38.72
N GLU A 878 5.52 -19.35 -37.70
CA GLU A 878 4.71 -19.91 -36.63
C GLU A 878 3.97 -18.81 -35.87
N TYR A 879 4.48 -17.59 -35.92
CA TYR A 879 3.85 -16.49 -35.24
C TYR A 879 2.72 -16.00 -36.14
N ALA A 880 3.01 -15.93 -37.44
CA ALA A 880 2.04 -15.45 -38.42
C ALA A 880 0.78 -16.32 -38.45
N ASP A 881 0.99 -17.61 -38.21
CA ASP A 881 -0.08 -18.59 -38.21
C ASP A 881 -1.11 -18.36 -37.10
N VAL A 882 -0.75 -17.66 -36.03
CA VAL A 882 -1.72 -17.43 -34.95
C VAL A 882 -2.85 -16.56 -35.46
N PHE A 883 -2.48 -15.51 -36.18
CA PHE A 883 -3.44 -14.61 -36.77
C PHE A 883 -4.33 -15.31 -37.75
N HIS A 884 -3.70 -16.10 -38.63
CA HIS A 884 -4.48 -16.76 -39.66
C HIS A 884 -5.43 -17.80 -39.06
N LEU A 885 -4.99 -18.48 -37.99
CA LEU A 885 -5.83 -19.46 -37.30
C LEU A 885 -7.10 -18.76 -36.85
N TYR A 886 -6.95 -17.58 -36.23
CA TYR A 886 -8.15 -16.89 -35.80
C TYR A 886 -9.02 -16.46 -36.95
N LEU A 887 -8.45 -16.00 -38.06
CA LEU A 887 -9.36 -15.58 -39.12
C LEU A 887 -10.22 -16.74 -39.58
N GLN A 888 -9.64 -17.94 -39.66
CA GLN A 888 -10.44 -19.06 -40.10
C GLN A 888 -11.55 -19.36 -39.10
N TYR A 889 -11.24 -19.26 -37.80
CA TYR A 889 -12.22 -19.53 -36.76
C TYR A 889 -13.36 -18.51 -36.79
N ILE A 890 -13.00 -17.24 -36.93
CA ILE A 890 -13.90 -16.10 -36.93
C ILE A 890 -14.86 -16.18 -38.09
N ARG A 891 -14.33 -16.50 -39.27
CA ARG A 891 -15.17 -16.61 -40.43
C ARG A 891 -16.15 -17.77 -40.29
N LYS A 892 -15.72 -18.89 -39.69
CA LYS A 892 -16.63 -20.00 -39.46
C LYS A 892 -17.71 -19.62 -38.45
N LEU A 893 -17.34 -18.88 -37.40
CA LEU A 893 -18.32 -18.45 -36.42
C LEU A 893 -19.44 -17.68 -37.13
N MET A 908 -17.36 -9.55 -41.42
CA MET A 908 -16.25 -10.39 -41.81
C MET A 908 -14.92 -9.75 -41.48
N LEU A 909 -14.10 -10.45 -40.72
CA LEU A 909 -12.78 -9.91 -40.43
C LEU A 909 -11.87 -10.38 -41.56
N THR A 910 -11.21 -9.42 -42.18
CA THR A 910 -10.33 -9.61 -43.30
C THR A 910 -8.97 -9.08 -42.96
N ASN A 911 -8.04 -9.25 -43.89
CA ASN A 911 -6.70 -8.72 -43.68
C ASN A 911 -6.68 -7.19 -43.74
N ASP A 912 -7.62 -6.59 -44.49
CA ASP A 912 -7.65 -5.14 -44.65
C ASP A 912 -8.36 -4.52 -43.46
N ASN A 913 -9.31 -5.27 -42.91
CA ASN A 913 -10.08 -4.80 -41.78
C ASN A 913 -9.26 -4.94 -40.50
N THR A 914 -8.08 -5.55 -40.63
CA THR A 914 -7.22 -5.74 -39.50
C THR A 914 -5.94 -4.89 -39.66
N SER A 915 -5.40 -4.74 -40.88
CA SER A 915 -4.17 -3.99 -41.06
C SER A 915 -4.40 -2.52 -40.79
N ARG A 916 -5.65 -2.07 -40.95
CA ARG A 916 -6.03 -0.68 -40.73
C ARG A 916 -5.79 -0.22 -39.31
N TYR A 917 -5.69 -1.16 -38.38
CA TYR A 917 -5.50 -0.82 -36.99
C TYR A 917 -4.15 -0.20 -36.73
N TRP A 918 -3.18 -0.39 -37.62
CA TRP A 918 -1.88 0.20 -37.43
C TRP A 918 -1.58 1.30 -38.43
N GLU A 919 -2.60 1.83 -39.10
CA GLU A 919 -2.43 2.91 -40.06
C GLU A 919 -2.93 4.24 -39.48
N PRO A 920 -2.05 5.20 -39.16
CA PRO A 920 -2.36 6.50 -38.59
C PRO A 920 -3.36 7.26 -39.42
N ARG B 80 -35.53 3.78 -5.08
CA ARG B 80 -34.80 4.14 -3.88
C ARG B 80 -35.42 3.44 -2.70
N ALA B 81 -36.75 3.37 -2.72
CA ALA B 81 -37.54 2.78 -1.64
C ALA B 81 -37.19 1.32 -1.38
N LYS B 82 -36.86 0.57 -2.44
CA LYS B 82 -36.52 -0.83 -2.27
C LYS B 82 -35.22 -0.98 -1.49
N VAL B 83 -34.28 -0.08 -1.77
CA VAL B 83 -32.98 -0.09 -1.13
C VAL B 83 -33.16 0.39 0.31
N THR B 84 -33.97 1.43 0.48
CA THR B 84 -34.21 2.03 1.78
C THR B 84 -34.75 0.96 2.72
N SER B 85 -35.73 0.20 2.25
CA SER B 85 -36.32 -0.86 3.05
C SER B 85 -35.29 -1.92 3.38
N ALA B 86 -34.49 -2.33 2.39
CA ALA B 86 -33.49 -3.34 2.64
C ALA B 86 -32.47 -2.91 3.71
N MET B 87 -32.06 -1.63 3.67
CA MET B 87 -31.11 -1.14 4.64
C MET B 87 -31.71 -1.10 6.04
N GLN B 88 -32.97 -0.69 6.14
CA GLN B 88 -33.63 -0.62 7.43
C GLN B 88 -33.85 -2.01 8.00
N THR B 89 -34.22 -2.96 7.15
CA THR B 89 -34.50 -4.32 7.59
C THR B 89 -33.23 -4.94 8.13
N MET B 90 -32.13 -4.76 7.42
CA MET B 90 -30.85 -5.29 7.83
C MET B 90 -30.38 -4.65 9.12
N LEU B 91 -30.47 -3.31 9.23
CA LEU B 91 -30.01 -2.65 10.44
C LEU B 91 -30.83 -3.08 11.64
N PHE B 92 -32.15 -3.24 11.50
CA PHE B 92 -32.95 -3.67 12.63
C PHE B 92 -32.71 -5.10 13.02
N THR B 93 -32.41 -5.96 12.05
CA THR B 93 -32.09 -7.33 12.40
C THR B 93 -30.85 -7.31 13.29
N MET B 94 -29.84 -6.52 12.89
CA MET B 94 -28.60 -6.43 13.64
C MET B 94 -28.83 -5.78 15.01
N LEU B 95 -29.75 -4.81 15.10
CA LEU B 95 -30.05 -4.14 16.37
C LEU B 95 -30.66 -5.11 17.37
N ARG B 96 -31.48 -6.03 16.90
CA ARG B 96 -32.04 -7.00 17.82
C ARG B 96 -30.92 -7.86 18.42
N LYS B 97 -29.94 -8.24 17.59
CA LYS B 97 -28.79 -9.02 18.05
C LYS B 97 -27.82 -8.20 18.94
N LEU B 98 -27.64 -6.93 18.58
CA LEU B 98 -26.72 -5.99 19.18
C LEU B 98 -27.13 -5.34 20.51
N ASP B 99 -28.41 -5.02 20.68
CA ASP B 99 -28.83 -4.31 21.87
C ASP B 99 -28.92 -5.27 23.07
N ASN B 100 -27.92 -5.21 23.95
CA ASN B 100 -27.82 -6.11 25.09
C ASN B 100 -26.99 -5.52 26.24
N ASP B 101 -26.87 -6.27 27.34
CA ASP B 101 -26.16 -5.80 28.52
C ASP B 101 -24.67 -5.72 28.27
N ALA B 102 -24.14 -6.64 27.47
CA ALA B 102 -22.72 -6.68 27.19
C ALA B 102 -22.28 -5.41 26.47
N LEU B 103 -23.12 -4.91 25.57
CA LEU B 103 -22.80 -3.70 24.86
C LEU B 103 -22.81 -2.55 25.83
N ASN B 104 -23.80 -2.51 26.72
CA ASN B 104 -23.84 -1.41 27.64
C ASN B 104 -22.64 -1.43 28.56
N ASN B 105 -22.16 -2.61 28.92
CA ASN B 105 -21.01 -2.68 29.81
C ASN B 105 -19.74 -2.16 29.13
N ILE B 106 -19.54 -2.49 27.85
CA ILE B 106 -18.30 -2.02 27.23
C ILE B 106 -18.35 -0.52 26.98
N ILE B 107 -19.51 0.00 26.60
CA ILE B 107 -19.60 1.43 26.36
C ILE B 107 -19.52 2.20 27.67
N ASN B 108 -20.19 1.72 28.73
CA ASN B 108 -20.18 2.41 30.01
C ASN B 108 -18.79 2.44 30.63
N ASN B 109 -17.95 1.45 30.31
CA ASN B 109 -16.59 1.41 30.85
C ASN B 109 -15.63 2.32 30.08
N ALA B 110 -16.10 2.96 29.01
CA ALA B 110 -15.27 3.86 28.22
C ALA B 110 -15.09 5.14 28.98
N ARG B 111 -13.98 5.84 28.74
CA ARG B 111 -13.77 7.10 29.46
C ARG B 111 -14.73 8.22 29.04
N ASP B 112 -15.14 8.19 27.78
CA ASP B 112 -15.99 9.19 27.19
C ASP B 112 -17.14 8.63 26.35
N GLY B 113 -17.36 7.32 26.44
CA GLY B 113 -18.37 6.59 25.67
C GLY B 113 -17.83 5.97 24.37
N CYS B 114 -16.57 6.22 24.03
CA CYS B 114 -15.96 5.69 22.81
C CYS B 114 -15.02 4.50 23.04
N VAL B 115 -15.21 3.46 22.23
CA VAL B 115 -14.33 2.30 22.28
C VAL B 115 -13.91 1.94 20.85
N PRO B 116 -12.80 1.21 20.63
CA PRO B 116 -12.46 0.63 19.36
C PRO B 116 -13.50 -0.38 18.92
N LEU B 117 -13.82 -0.42 17.65
CA LEU B 117 -14.77 -1.43 17.19
C LEU B 117 -14.26 -2.82 17.35
N ASN B 118 -12.96 -2.98 17.17
CA ASN B 118 -12.35 -4.28 17.16
C ASN B 118 -12.34 -4.97 18.52
N ILE B 119 -12.80 -4.30 19.58
CA ILE B 119 -12.89 -4.95 20.86
C ILE B 119 -14.33 -5.18 21.27
N ILE B 120 -15.31 -4.70 20.50
CA ILE B 120 -16.67 -4.94 20.96
C ILE B 120 -17.03 -6.41 20.93
N PRO B 121 -16.79 -7.18 19.83
CA PRO B 121 -17.13 -8.59 19.73
C PRO B 121 -16.53 -9.40 20.88
N LEU B 122 -15.40 -8.94 21.45
CA LEU B 122 -14.74 -9.64 22.55
C LEU B 122 -15.58 -9.61 23.80
N THR B 123 -16.52 -8.66 23.91
CA THR B 123 -17.40 -8.55 25.05
C THR B 123 -18.86 -8.88 24.69
N THR B 124 -19.30 -8.61 23.46
CA THR B 124 -20.71 -8.81 23.11
C THR B 124 -21.02 -10.13 22.41
N ALA B 125 -20.03 -10.81 21.88
CA ALA B 125 -20.33 -12.04 21.19
C ALA B 125 -20.36 -13.18 22.18
N ALA B 126 -21.55 -13.77 22.36
CA ALA B 126 -21.71 -14.88 23.29
C ALA B 126 -21.21 -16.16 22.65
N LYS B 127 -21.21 -16.15 21.32
CA LYS B 127 -20.78 -17.30 20.53
C LYS B 127 -19.47 -17.01 19.82
N LEU B 128 -18.61 -18.02 19.83
CA LEU B 128 -17.31 -18.05 19.18
C LEU B 128 -17.15 -19.15 18.14
N MET B 129 -16.67 -18.74 16.98
CA MET B 129 -16.35 -19.62 15.88
C MET B 129 -14.85 -19.81 15.87
N VAL B 130 -14.39 -21.06 15.84
CA VAL B 130 -12.96 -21.28 15.78
C VAL B 130 -12.64 -22.11 14.54
N VAL B 131 -11.76 -21.61 13.69
CA VAL B 131 -11.46 -22.38 12.49
C VAL B 131 -10.07 -23.00 12.64
N VAL B 132 -10.02 -24.34 12.63
CA VAL B 132 -8.77 -25.05 12.85
C VAL B 132 -8.29 -25.90 11.64
N PRO B 133 -7.15 -25.58 11.00
CA PRO B 133 -6.59 -26.28 9.83
C PRO B 133 -6.05 -27.70 10.01
N ASP B 134 -5.68 -28.10 11.22
CA ASP B 134 -5.15 -29.45 11.40
C ASP B 134 -5.27 -29.96 12.83
N TYR B 135 -4.83 -31.20 13.07
CA TYR B 135 -4.90 -31.80 14.40
C TYR B 135 -4.01 -31.15 15.43
N GLY B 136 -2.75 -30.86 15.08
CA GLY B 136 -1.87 -30.26 16.07
C GLY B 136 -2.41 -28.90 16.52
N THR B 137 -2.94 -28.11 15.58
CA THR B 137 -3.48 -26.81 15.94
C THR B 137 -4.67 -27.02 16.84
N TYR B 138 -5.52 -28.01 16.51
CA TYR B 138 -6.71 -28.31 17.28
C TYR B 138 -6.34 -28.57 18.72
N LYS B 139 -5.33 -29.40 18.94
CA LYS B 139 -4.92 -29.72 20.31
C LYS B 139 -4.49 -28.49 21.10
N ASN B 140 -3.87 -27.54 20.43
CA ASN B 140 -3.43 -26.34 21.10
C ASN B 140 -4.47 -25.21 21.05
N THR B 141 -5.67 -25.51 20.55
CA THR B 141 -6.71 -24.51 20.42
C THR B 141 -8.00 -24.90 21.19
N CYS B 142 -8.54 -26.10 20.91
CA CYS B 142 -9.80 -26.60 21.46
C CYS B 142 -9.75 -28.05 21.95
N ASP B 143 -8.86 -28.38 22.86
CA ASP B 143 -8.71 -29.77 23.31
C ASP B 143 -9.71 -30.12 24.42
N GLY B 144 -10.65 -31.00 24.13
CA GLY B 144 -11.68 -31.36 25.10
C GLY B 144 -12.86 -30.43 25.04
N ASN B 145 -13.66 -30.43 26.09
CA ASN B 145 -14.91 -29.68 26.10
C ASN B 145 -14.74 -28.17 26.18
N THR B 146 -13.66 -27.70 26.80
CA THR B 146 -13.50 -26.26 26.97
C THR B 146 -12.13 -25.76 26.57
N PHE B 147 -12.07 -24.45 26.31
CA PHE B 147 -10.81 -23.79 25.99
C PHE B 147 -10.85 -22.32 26.38
N THR B 148 -9.68 -21.67 26.42
CA THR B 148 -9.67 -20.25 26.77
C THR B 148 -9.32 -19.37 25.58
N TYR B 149 -10.13 -18.33 25.39
CA TYR B 149 -9.92 -17.35 24.34
C TYR B 149 -10.55 -15.99 24.69
N ALA B 150 -9.87 -14.90 24.35
CA ALA B 150 -10.38 -13.55 24.62
C ALA B 150 -10.69 -13.39 26.11
N SER B 151 -9.79 -13.93 26.93
CA SER B 151 -9.85 -13.90 28.38
C SER B 151 -11.16 -14.46 28.95
N ALA B 152 -11.72 -15.48 28.29
CA ALA B 152 -12.93 -16.13 28.74
C ALA B 152 -12.84 -17.62 28.53
N LEU B 153 -13.56 -18.37 29.34
CA LEU B 153 -13.61 -19.81 29.14
C LEU B 153 -14.78 -20.08 28.22
N TRP B 154 -14.56 -20.88 27.20
CA TRP B 154 -15.58 -21.23 26.23
C TRP B 154 -15.95 -22.71 26.32
N GLU B 155 -17.23 -23.00 26.14
CA GLU B 155 -17.75 -24.37 26.16
C GLU B 155 -18.22 -24.79 24.77
N ILE B 156 -17.65 -25.87 24.26
CA ILE B 156 -17.94 -26.32 22.91
C ILE B 156 -19.30 -26.96 22.82
N GLN B 157 -20.08 -26.49 21.85
CA GLN B 157 -21.41 -27.01 21.66
C GLN B 157 -21.41 -28.00 20.51
N GLN B 158 -20.63 -27.69 19.48
CA GLN B 158 -20.62 -28.52 18.29
C GLN B 158 -19.35 -28.38 17.45
N VAL B 159 -19.00 -29.42 16.69
CA VAL B 159 -17.91 -29.31 15.71
C VAL B 159 -18.40 -29.75 14.33
N VAL B 160 -18.21 -28.90 13.33
CA VAL B 160 -18.64 -29.23 11.97
C VAL B 160 -17.44 -29.20 11.03
N ASP B 161 -17.30 -30.22 10.18
CA ASP B 161 -16.12 -30.27 9.31
C ASP B 161 -16.24 -29.48 8.00
N ALA B 162 -15.22 -29.59 7.15
CA ALA B 162 -15.13 -28.86 5.88
C ALA B 162 -16.15 -29.34 4.84
N ASP B 163 -16.77 -30.51 5.08
CA ASP B 163 -17.75 -31.11 4.20
C ASP B 163 -19.15 -30.95 4.79
N SER B 164 -19.26 -30.06 5.80
CA SER B 164 -20.45 -29.74 6.56
C SER B 164 -21.06 -30.92 7.32
N LYS B 165 -20.22 -31.82 7.84
CA LYS B 165 -20.72 -32.95 8.62
C LYS B 165 -20.44 -32.73 10.09
N ILE B 166 -21.24 -33.35 10.94
CA ILE B 166 -21.01 -33.25 12.37
C ILE B 166 -19.94 -34.21 12.86
N VAL B 167 -18.99 -33.68 13.60
CA VAL B 167 -17.86 -34.40 14.17
C VAL B 167 -17.96 -34.36 15.69
N GLN B 168 -17.77 -35.48 16.34
CA GLN B 168 -17.84 -35.48 17.79
C GLN B 168 -16.48 -35.17 18.37
N LEU B 169 -16.42 -34.63 19.58
CA LEU B 169 -15.10 -34.34 20.15
C LEU B 169 -14.30 -35.63 20.33
N SER B 170 -14.99 -36.73 20.61
CA SER B 170 -14.38 -38.04 20.81
C SER B 170 -13.76 -38.60 19.54
N GLU B 171 -14.11 -38.01 18.39
CA GLU B 171 -13.62 -38.43 17.09
C GLU B 171 -12.40 -37.62 16.65
N ILE B 172 -11.97 -36.64 17.45
CA ILE B 172 -10.82 -35.86 17.00
C ILE B 172 -9.61 -36.26 17.82
N ASN B 173 -8.75 -37.02 17.19
CA ASN B 173 -7.56 -37.58 17.83
C ASN B 173 -6.51 -37.82 16.76
N MET B 174 -5.33 -38.31 17.13
CA MET B 174 -4.33 -38.51 16.09
C MET B 174 -4.69 -39.63 15.14
N ASP B 175 -5.23 -40.72 15.65
CA ASP B 175 -5.51 -41.89 14.82
C ASP B 175 -6.56 -41.64 13.75
N ASN B 176 -7.54 -40.81 14.07
CA ASN B 176 -8.61 -40.50 13.15
C ASN B 176 -8.35 -39.19 12.43
N SER B 177 -7.16 -38.60 12.60
CA SER B 177 -6.88 -37.34 11.95
C SER B 177 -7.02 -37.41 10.43
N PRO B 178 -6.51 -38.46 9.73
CA PRO B 178 -6.59 -38.63 8.29
C PRO B 178 -8.01 -38.76 7.78
N ASN B 179 -8.96 -39.04 8.68
CA ASN B 179 -10.33 -39.22 8.26
C ASN B 179 -11.18 -37.97 8.51
N LEU B 180 -10.55 -36.89 8.96
CA LEU B 180 -11.32 -35.68 9.23
C LEU B 180 -11.16 -34.68 8.11
N ALA B 181 -12.27 -34.06 7.73
CA ALA B 181 -12.24 -33.07 6.67
C ALA B 181 -11.79 -31.74 7.23
N TRP B 182 -10.49 -31.62 7.40
CA TRP B 182 -9.88 -30.42 7.96
C TRP B 182 -9.97 -29.33 6.88
N PRO B 183 -10.14 -28.06 7.26
CA PRO B 183 -10.27 -27.46 8.57
C PRO B 183 -11.57 -27.79 9.25
N LEU B 184 -11.57 -27.82 10.56
CA LEU B 184 -12.83 -28.05 11.27
C LEU B 184 -13.27 -26.74 11.88
N ILE B 185 -14.56 -26.53 12.01
CA ILE B 185 -15.03 -25.33 12.68
C ILE B 185 -15.71 -25.69 14.01
N VAL B 186 -15.16 -25.13 15.07
CA VAL B 186 -15.66 -25.40 16.41
C VAL B 186 -16.57 -24.27 16.87
N THR B 187 -17.76 -24.63 17.35
CA THR B 187 -18.69 -23.63 17.85
C THR B 187 -18.73 -23.74 19.37
N ALA B 188 -18.51 -22.61 20.04
CA ALA B 188 -18.52 -22.58 21.50
C ALA B 188 -19.22 -21.34 22.05
N LEU B 189 -19.78 -21.49 23.23
CA LEU B 189 -20.43 -20.37 23.92
C LEU B 189 -19.65 -19.97 25.16
N ARG B 190 -19.78 -18.72 25.57
CA ARG B 190 -19.09 -18.35 26.79
C ARG B 190 -19.58 -19.24 27.91
N ALA B 191 -18.64 -19.78 28.67
CA ALA B 191 -18.97 -20.65 29.78
C ALA B 191 -19.94 -19.97 30.71
#